data_4RWY
#
_entry.id   4RWY
#
_cell.length_a   66.250
_cell.length_b   67.137
_cell.length_c   214.101
_cell.angle_alpha   90.00
_cell.angle_beta   90.00
_cell.angle_gamma   90.00
#
_symmetry.space_group_name_H-M   'P 21 21 21'
#
loop_
_entity.id
_entity.type
_entity.pdbx_description
1 polymer 'HIV-1 YU2 gp120'
2 polymer 'Antibody 8ANC131 Heavy chain'
3 polymer 'Antibody 8ANC131 Light chain'
4 non-polymer 2-acetamido-2-deoxy-beta-D-glucopyranose
5 non-polymer '4-(2-HYDROXYETHYL)-1-PIPERAZINE ETHANESULFONIC ACID'
6 non-polymer 1,2-ETHANEDIOL
7 non-polymer 'SODIUM ION'
8 water water
#
loop_
_entity_poly.entity_id
_entity_poly.type
_entity_poly.pdbx_seq_one_letter_code
_entity_poly.pdbx_strand_id
1 'polypeptide(L)'
;MPMGSLQPLATLYLLGMLVASVLAVWKEATTTLFCASDAKAYDTEVHNVWATHACVPTDPNPQEVKLENVTENFNMWKNN
MVEQMHEDIISLWDQSLKPCVKLTGGSVITQACPKVSFEPIPIHYCAPAGFAILKCNDKKFNGTGPCTNVSTVQCTHGIR
PVVSTQLLLNGSLAEEEIVIRSENFTNNAKTIIVQLNESVVINCTRPNNGGSGSGGDIRQAHCNLSKTQWENTLEQIAIK
LKEQFGNNKTIIFNPSSGGDPEIVTHSFNCGGEFFYCNSTQLFTWNDTRKLNNTGRNITLPCRIKQIINMWQEVGKAMYA
PPIRGQIRCSSNITGLLLTRDGGKDTNGTEIFRPGGGDMRDNWRSELYKYKVVKIE
;
A
2 'polypeptide(L)'
;QGQLVQSGGGLKKPGTSVTISCLASEYTFNEFVIHWIRQAPGQGPLWLGLIKRSGRLMTAYNFQDRLSLRRDRSTGTVFM
ELRGLRPDDTAVYYCARDGLGEVAPDYRYGIDVWGQGSTVIVTSASTKGPSVFPLAPSSKSTSGGTAALGCLVKDYFPEP
VTVSWNSGALTSGVHTFPAVLQSSGLYSLSSVVTVPSSSLGTQTYICNVNHKPSNTKVDKKAEPKSC
;
H
3 'polypeptide(L)'
;EIVLTQSPATLSLSPGERATLSCRASQGLNFVVWYQQKRGQAPRLLIHAPSGRAPGVPDRFSARGSGTEFSLVISSVEPD
DFAIYYCQEYSSTPYNFGPGTRVDRKRTVAAPSVFIFPPSDEQLKSGTASVVCLLNNFYPREAKVQWKVDNALQSGNSQE
SVTEQDSKDSTYSLSSTLTLSKADYEKHKVYACEVTHQGLRSPVTKSFNRGEC
;
L
#
loop_
_chem_comp.id
_chem_comp.type
_chem_comp.name
_chem_comp.formula
EDO non-polymer 1,2-ETHANEDIOL 'C2 H6 O2'
EPE non-polymer '4-(2-HYDROXYETHYL)-1-PIPERAZINE ETHANESULFONIC ACID' 'C8 H18 N2 O4 S'
NA non-polymer 'SODIUM ION' 'Na 1'
NAG D-saccharide, beta linking 2-acetamido-2-deoxy-beta-D-glucopyranose 'C8 H15 N O6'
#
# COMPACT_ATOMS: atom_id res chain seq x y z
N VAL A 25 -12.39 -40.67 -5.48
CA VAL A 25 -12.74 -39.43 -4.79
C VAL A 25 -11.61 -38.42 -4.93
N TRP A 26 -10.46 -38.74 -4.33
CA TRP A 26 -9.29 -37.88 -4.21
C TRP A 26 -9.60 -36.42 -3.83
N LYS A 27 -8.54 -35.61 -3.78
CA LYS A 27 -8.64 -34.24 -3.30
C LYS A 27 -7.32 -33.51 -3.52
N GLU A 28 -7.38 -32.19 -3.67
CA GLU A 28 -6.18 -31.37 -3.79
C GLU A 28 -5.25 -31.65 -2.61
N ALA A 29 -4.01 -32.00 -2.93
CA ALA A 29 -3.05 -32.39 -1.90
C ALA A 29 -1.65 -31.87 -2.21
N THR A 30 -0.99 -31.39 -1.16
CA THR A 30 0.40 -30.98 -1.24
C THR A 30 1.28 -32.13 -0.75
N THR A 31 2.23 -32.52 -1.59
CA THR A 31 3.18 -33.57 -1.23
C THR A 31 4.51 -33.32 -1.94
N THR A 32 5.58 -33.86 -1.39
CA THR A 32 6.89 -33.72 -2.01
C THR A 32 6.94 -34.55 -3.29
N LEU A 33 7.06 -33.86 -4.41
CA LEU A 33 7.23 -34.52 -5.70
C LEU A 33 8.68 -34.94 -5.86
N PHE A 34 8.94 -35.78 -6.86
CA PHE A 34 10.32 -36.07 -7.28
C PHE A 34 10.41 -35.79 -8.77
N CYS A 35 11.64 -35.68 -9.27
CA CYS A 35 11.85 -35.25 -10.65
C CYS A 35 12.52 -36.31 -11.49
N ALA A 36 12.31 -36.22 -12.80
CA ALA A 36 12.92 -37.14 -13.76
C ALA A 36 13.54 -36.34 -14.92
N SER A 37 14.59 -36.88 -15.51
CA SER A 37 15.30 -36.18 -16.59
C SER A 37 16.22 -37.11 -17.37
N ASP A 38 16.68 -36.64 -18.52
CA ASP A 38 17.65 -37.36 -19.34
C ASP A 38 19.05 -36.77 -19.17
N ALA A 39 19.33 -36.27 -17.97
CA ALA A 39 20.63 -35.67 -17.68
C ALA A 39 21.76 -36.68 -17.89
N LYS A 40 22.93 -36.17 -18.24
CA LYS A 40 24.10 -37.00 -18.49
C LYS A 40 25.10 -36.86 -17.34
N ALA A 41 25.48 -38.00 -16.76
CA ALA A 41 26.33 -38.02 -15.58
C ALA A 41 27.77 -37.59 -15.90
N TYR A 42 28.17 -37.72 -17.16
CA TYR A 42 29.52 -37.36 -17.56
C TYR A 42 29.64 -35.85 -17.82
N ASP A 43 28.51 -35.19 -17.98
CA ASP A 43 28.49 -33.76 -18.32
C ASP A 43 28.62 -32.89 -17.06
N THR A 44 29.60 -32.00 -17.07
CA THR A 44 29.85 -31.11 -15.95
C THR A 44 28.94 -29.88 -15.98
N GLU A 45 28.10 -29.79 -17.02
CA GLU A 45 27.13 -28.72 -17.12
C GLU A 45 26.20 -28.78 -15.90
N VAL A 46 25.98 -27.62 -15.28
CA VAL A 46 25.42 -27.57 -13.92
C VAL A 46 23.98 -28.07 -13.78
N HIS A 47 23.19 -27.97 -14.85
CA HIS A 47 21.84 -28.52 -14.81
C HIS A 47 21.91 -30.04 -14.84
N ASN A 48 22.80 -30.58 -15.66
CA ASN A 48 23.01 -32.02 -15.73
C ASN A 48 23.51 -32.57 -14.40
N VAL A 49 24.42 -31.84 -13.77
CA VAL A 49 24.95 -32.23 -12.46
C VAL A 49 23.85 -32.23 -11.39
N TRP A 50 23.05 -31.17 -11.35
CA TRP A 50 21.98 -31.07 -10.37
C TRP A 50 20.99 -32.22 -10.54
N ALA A 51 20.49 -32.39 -11.76
CA ALA A 51 19.52 -33.43 -12.06
C ALA A 51 20.07 -34.83 -11.76
N THR A 52 21.34 -35.05 -12.09
CA THR A 52 21.98 -36.35 -11.85
C THR A 52 21.89 -36.74 -10.39
N HIS A 53 21.97 -35.74 -9.50
CA HIS A 53 21.94 -35.98 -8.07
C HIS A 53 20.51 -36.04 -7.53
N ALA A 54 19.60 -35.26 -8.12
CA ALA A 54 18.26 -35.08 -7.56
C ALA A 54 17.17 -35.88 -8.29
N CYS A 55 17.42 -36.25 -9.54
CA CYS A 55 16.37 -36.84 -10.37
C CYS A 55 16.64 -38.29 -10.74
N VAL A 56 15.62 -38.95 -11.29
CA VAL A 56 15.70 -40.32 -11.75
C VAL A 56 15.54 -40.37 -13.27
N PRO A 57 15.83 -41.52 -13.89
CA PRO A 57 15.65 -41.61 -15.35
C PRO A 57 14.20 -41.44 -15.78
N THR A 58 13.98 -40.99 -17.01
CA THR A 58 12.64 -40.80 -17.54
C THR A 58 12.05 -42.13 -18.04
N ASP A 59 10.73 -42.21 -18.06
CA ASP A 59 10.05 -43.39 -18.57
C ASP A 59 10.09 -43.40 -20.10
N PRO A 60 10.55 -44.51 -20.71
CA PRO A 60 10.54 -44.58 -22.18
C PRO A 60 9.14 -44.37 -22.76
N ASN A 61 8.19 -45.19 -22.33
CA ASN A 61 6.80 -45.07 -22.77
C ASN A 61 5.90 -44.67 -21.60
N PRO A 62 5.71 -43.36 -21.39
CA PRO A 62 4.88 -42.91 -20.26
C PRO A 62 3.39 -43.12 -20.52
N GLN A 63 2.69 -43.71 -19.56
CA GLN A 63 1.27 -43.98 -19.70
C GLN A 63 0.42 -42.76 -19.39
N GLU A 64 -0.67 -42.61 -20.13
CA GLU A 64 -1.64 -41.55 -19.90
C GLU A 64 -3.04 -42.12 -20.00
N VAL A 65 -3.83 -41.94 -18.94
CA VAL A 65 -5.17 -42.50 -18.87
C VAL A 65 -6.23 -41.42 -18.90
N LYS A 66 -7.19 -41.55 -19.81
CA LYS A 66 -8.31 -40.62 -19.91
C LYS A 66 -9.37 -40.96 -18.87
N LEU A 67 -9.91 -39.92 -18.23
CA LEU A 67 -11.00 -40.07 -17.27
C LEU A 67 -12.33 -39.63 -17.89
N GLU A 68 -13.07 -40.59 -18.46
CA GLU A 68 -14.33 -40.27 -19.10
C GLU A 68 -15.38 -39.83 -18.08
N ASN A 69 -16.21 -38.87 -18.49
CA ASN A 69 -17.26 -38.34 -17.63
C ASN A 69 -16.73 -37.84 -16.29
N VAL A 70 -15.80 -36.91 -16.34
CA VAL A 70 -15.20 -36.33 -15.13
C VAL A 70 -14.90 -34.85 -15.31
N THR A 71 -15.31 -34.05 -14.33
CA THR A 71 -14.98 -32.63 -14.28
C THR A 71 -14.10 -32.35 -13.07
N GLU A 72 -13.12 -31.47 -13.25
CA GLU A 72 -12.16 -31.15 -12.20
C GLU A 72 -11.75 -29.69 -12.26
N ASN A 73 -11.56 -29.07 -11.09
CA ASN A 73 -11.15 -27.67 -11.02
C ASN A 73 -9.65 -27.52 -11.08
N PHE A 74 -9.20 -26.47 -11.75
CA PHE A 74 -7.78 -26.12 -11.82
C PHE A 74 -7.57 -24.67 -11.41
N ASN A 75 -6.35 -24.36 -10.98
CA ASN A 75 -5.97 -22.99 -10.66
C ASN A 75 -4.46 -22.84 -10.77
N MET A 76 -4.01 -22.39 -11.94
CA MET A 76 -2.58 -22.26 -12.22
C MET A 76 -1.90 -21.28 -11.27
N TRP A 77 -2.68 -20.35 -10.73
CA TRP A 77 -2.14 -19.29 -9.88
C TRP A 77 -2.02 -19.75 -8.42
N LYS A 78 -2.68 -20.85 -8.10
CA LYS A 78 -2.61 -21.43 -6.76
C LYS A 78 -2.23 -22.91 -6.87
N ASN A 79 -1.09 -23.16 -7.49
CA ASN A 79 -0.61 -24.52 -7.73
C ASN A 79 0.69 -24.76 -6.97
N ASN A 80 0.63 -25.66 -5.99
CA ASN A 80 1.78 -25.97 -5.15
C ASN A 80 2.95 -26.50 -5.97
N MET A 81 2.66 -27.12 -7.11
CA MET A 81 3.71 -27.62 -8.00
C MET A 81 4.66 -26.51 -8.38
N VAL A 82 4.12 -25.31 -8.59
CA VAL A 82 4.92 -24.14 -8.96
C VAL A 82 5.92 -23.81 -7.86
N GLU A 83 5.48 -23.92 -6.61
CA GLU A 83 6.32 -23.59 -5.47
C GLU A 83 7.48 -24.57 -5.33
N GLN A 84 7.19 -25.85 -5.56
CA GLN A 84 8.22 -26.87 -5.45
C GLN A 84 9.31 -26.69 -6.50
N MET A 85 8.90 -26.39 -7.73
CA MET A 85 9.87 -26.13 -8.80
C MET A 85 10.69 -24.89 -8.46
N HIS A 86 10.02 -23.86 -7.97
CA HIS A 86 10.68 -22.63 -7.56
C HIS A 86 11.82 -22.93 -6.59
N GLU A 87 11.53 -23.77 -5.60
CA GLU A 87 12.51 -24.15 -4.59
C GLU A 87 13.72 -24.85 -5.23
N ASP A 88 13.47 -25.68 -6.24
CA ASP A 88 14.54 -26.45 -6.88
C ASP A 88 15.51 -25.56 -7.66
N ILE A 89 14.96 -24.64 -8.45
CA ILE A 89 15.78 -23.79 -9.30
C ILE A 89 16.62 -22.82 -8.46
N ILE A 90 16.03 -22.37 -7.35
CA ILE A 90 16.76 -21.50 -6.42
C ILE A 90 18.00 -22.20 -5.89
N SER A 91 17.82 -23.44 -5.43
CA SER A 91 18.93 -24.21 -4.88
C SER A 91 19.91 -24.60 -5.98
N LEU A 92 19.38 -24.82 -7.19
CA LEU A 92 20.22 -25.15 -8.34
C LEU A 92 21.20 -24.01 -8.60
N TRP A 93 20.67 -22.79 -8.69
CA TRP A 93 21.50 -21.62 -8.93
C TRP A 93 22.43 -21.34 -7.75
N ASP A 94 21.91 -21.50 -6.54
CA ASP A 94 22.68 -21.21 -5.33
C ASP A 94 23.84 -22.20 -5.18
N GLN A 95 23.63 -23.43 -5.63
CA GLN A 95 24.67 -24.46 -5.57
C GLN A 95 25.66 -24.34 -6.72
N SER A 96 25.11 -24.15 -7.92
CA SER A 96 25.89 -24.25 -9.15
C SER A 96 26.85 -23.09 -9.35
N LEU A 97 26.34 -21.87 -9.21
CA LEU A 97 27.09 -20.69 -9.61
C LEU A 97 28.12 -20.28 -8.57
N LYS A 98 29.17 -19.61 -9.06
CA LYS A 98 30.32 -19.25 -8.25
C LYS A 98 30.81 -17.85 -8.61
N PRO A 99 30.15 -16.82 -8.04
CA PRO A 99 30.59 -15.44 -8.30
C PRO A 99 31.92 -15.14 -7.62
N CYS A 100 32.68 -14.21 -8.17
CA CYS A 100 33.96 -13.82 -7.59
C CYS A 100 33.71 -13.12 -6.26
N VAL A 101 32.64 -12.33 -6.22
CA VAL A 101 32.26 -11.57 -5.04
C VAL A 101 30.76 -11.74 -4.81
N LYS A 102 30.37 -11.95 -3.56
CA LYS A 102 28.96 -12.09 -3.21
C LYS A 102 28.66 -11.36 -1.91
N LEU A 103 27.63 -10.52 -1.95
CA LEU A 103 27.17 -9.79 -0.77
C LEU A 103 25.85 -10.37 -0.28
N THR A 104 25.83 -10.85 0.96
CA THR A 104 24.60 -11.35 1.58
C THR A 104 24.63 -11.13 3.08
N GLY A 105 23.67 -10.35 3.58
CA GLY A 105 23.53 -10.10 5.00
C GLY A 105 24.58 -9.14 5.52
N GLY A 106 24.92 -8.15 4.71
CA GLY A 106 25.94 -7.17 5.08
C GLY A 106 27.34 -7.77 5.07
N SER A 107 27.45 -9.05 4.74
CA SER A 107 28.72 -9.75 4.72
C SER A 107 29.18 -9.99 3.29
N VAL A 108 30.48 -9.86 3.07
CA VAL A 108 31.07 -10.04 1.75
C VAL A 108 32.04 -11.21 1.77
N ILE A 109 31.78 -12.21 0.92
CA ILE A 109 32.67 -13.34 0.74
C ILE A 109 33.21 -13.34 -0.68
N THR A 110 34.48 -13.70 -0.83
CA THR A 110 35.12 -13.78 -2.14
C THR A 110 35.66 -15.19 -2.36
N GLN A 111 35.55 -15.67 -3.59
CA GLN A 111 35.96 -17.03 -3.93
C GLN A 111 36.43 -17.12 -5.38
N ALA A 112 37.04 -18.25 -5.72
CA ALA A 112 37.43 -18.50 -7.11
C ALA A 112 36.17 -18.62 -7.97
N CYS A 113 36.21 -18.02 -9.15
CA CYS A 113 35.03 -17.92 -10.01
C CYS A 113 35.32 -18.30 -11.45
N PRO A 114 35.66 -19.58 -11.68
CA PRO A 114 35.87 -20.04 -13.05
C PRO A 114 34.56 -20.03 -13.85
N LYS A 115 34.67 -19.88 -15.18
CA LYS A 115 33.50 -19.94 -16.03
C LYS A 115 32.91 -21.35 -16.00
N VAL A 116 31.60 -21.44 -16.21
CA VAL A 116 30.91 -22.72 -16.14
C VAL A 116 29.99 -22.92 -17.34
N SER A 117 29.75 -24.18 -17.69
CA SER A 117 28.81 -24.51 -18.75
C SER A 117 27.38 -24.37 -18.23
N PHE A 118 26.59 -23.53 -18.90
CA PHE A 118 25.23 -23.25 -18.47
C PHE A 118 24.24 -23.43 -19.61
N GLU A 119 23.38 -24.44 -19.49
CA GLU A 119 22.34 -24.70 -20.48
C GLU A 119 21.24 -25.58 -19.89
N PRO A 120 20.06 -25.01 -19.64
CA PRO A 120 18.95 -25.76 -19.03
C PRO A 120 18.57 -27.03 -19.80
N ILE A 121 18.21 -28.09 -19.07
CA ILE A 121 17.66 -29.30 -19.68
C ILE A 121 16.23 -29.49 -19.21
N PRO A 122 15.44 -30.30 -19.93
CA PRO A 122 14.05 -30.53 -19.51
C PRO A 122 13.95 -31.37 -18.23
N ILE A 123 13.10 -30.94 -17.32
CA ILE A 123 12.84 -31.67 -16.08
C ILE A 123 11.37 -32.09 -16.01
N HIS A 124 11.13 -33.32 -15.62
CA HIS A 124 9.78 -33.83 -15.43
C HIS A 124 9.48 -33.94 -13.93
N TYR A 125 8.29 -33.52 -13.53
CA TYR A 125 7.87 -33.65 -12.13
C TYR A 125 6.81 -34.74 -11.98
N CYS A 126 7.03 -35.63 -11.00
CA CYS A 126 6.25 -36.86 -10.88
C CYS A 126 5.62 -37.00 -9.50
N ALA A 127 4.47 -37.67 -9.44
CA ALA A 127 3.74 -37.87 -8.19
C ALA A 127 4.17 -39.17 -7.51
N PRO A 128 4.37 -39.13 -6.17
CA PRO A 128 4.72 -40.36 -5.46
C PRO A 128 3.55 -41.35 -5.38
N ALA A 129 3.75 -42.43 -4.63
CA ALA A 129 2.68 -43.41 -4.40
C ALA A 129 1.61 -42.80 -3.50
N GLY A 130 0.35 -43.10 -3.79
CA GLY A 130 -0.76 -42.54 -3.04
C GLY A 130 -1.16 -41.17 -3.53
N PHE A 131 -0.48 -40.69 -4.56
CA PHE A 131 -0.79 -39.41 -5.18
C PHE A 131 -0.81 -39.55 -6.70
N ALA A 132 -1.31 -38.53 -7.39
CA ALA A 132 -1.40 -38.56 -8.85
C ALA A 132 -1.47 -37.14 -9.41
N ILE A 133 -0.99 -36.99 -10.65
CA ILE A 133 -1.08 -35.70 -11.34
C ILE A 133 -2.23 -35.73 -12.35
N LEU A 134 -3.14 -34.77 -12.22
CA LEU A 134 -4.21 -34.58 -13.18
C LEU A 134 -3.78 -33.56 -14.22
N LYS A 135 -4.14 -33.82 -15.48
CA LYS A 135 -3.74 -32.95 -16.58
C LYS A 135 -4.96 -32.48 -17.35
N CYS A 136 -5.06 -31.16 -17.54
CA CYS A 136 -6.16 -30.56 -18.29
C CYS A 136 -5.84 -30.50 -19.77
N ASN A 137 -6.61 -31.22 -20.57
CA ASN A 137 -6.40 -31.27 -22.02
C ASN A 137 -7.47 -30.46 -22.76
N ASP A 138 -8.17 -29.59 -22.04
CA ASP A 138 -9.27 -28.85 -22.64
C ASP A 138 -8.77 -27.74 -23.56
N LYS A 139 -9.48 -27.58 -24.67
CA LYS A 139 -9.19 -26.53 -25.63
C LYS A 139 -9.44 -25.15 -25.02
N LYS A 140 -8.46 -24.27 -25.14
CA LYS A 140 -8.60 -22.88 -24.70
C LYS A 140 -8.87 -22.77 -23.20
N PHE A 141 -8.16 -23.58 -22.40
CA PHE A 141 -8.26 -23.50 -20.96
C PHE A 141 -7.64 -22.19 -20.46
N ASN A 142 -8.44 -21.37 -19.78
CA ASN A 142 -8.04 -20.00 -19.42
C ASN A 142 -7.25 -19.91 -18.11
N GLY A 143 -6.90 -21.07 -17.53
CA GLY A 143 -6.04 -21.11 -16.36
C GLY A 143 -6.74 -21.44 -15.07
N THR A 144 -8.01 -21.06 -14.96
CA THR A 144 -8.81 -21.33 -13.78
C THR A 144 -10.18 -21.85 -14.16
N GLY A 145 -10.69 -22.82 -13.42
CA GLY A 145 -12.07 -23.26 -13.60
C GLY A 145 -12.23 -24.67 -14.14
N PRO A 146 -13.40 -24.95 -14.72
CA PRO A 146 -13.77 -26.32 -15.10
C PRO A 146 -12.93 -26.90 -16.23
N CYS A 147 -12.56 -28.17 -16.10
CA CYS A 147 -11.91 -28.92 -17.18
C CYS A 147 -12.69 -30.22 -17.40
N THR A 148 -13.16 -30.43 -18.62
CA THR A 148 -14.01 -31.57 -18.93
C THR A 148 -13.21 -32.70 -19.58
N ASN A 149 -12.13 -32.34 -20.27
CA ASN A 149 -11.25 -33.31 -20.91
C ASN A 149 -10.03 -33.56 -20.04
N VAL A 150 -10.23 -34.27 -18.94
CA VAL A 150 -9.17 -34.51 -17.95
C VAL A 150 -8.54 -35.88 -18.12
N SER A 151 -7.23 -35.94 -17.93
CA SER A 151 -6.50 -37.20 -17.93
C SER A 151 -5.54 -37.25 -16.75
N THR A 152 -5.00 -38.44 -16.48
CA THR A 152 -4.04 -38.61 -15.40
C THR A 152 -2.70 -39.10 -15.97
N VAL A 153 -1.62 -38.61 -15.38
CA VAL A 153 -0.28 -38.98 -15.81
C VAL A 153 0.64 -39.14 -14.60
N GLN A 154 1.72 -39.88 -14.79
CA GLN A 154 2.71 -40.08 -13.73
C GLN A 154 3.58 -38.84 -13.58
N CYS A 155 4.02 -38.29 -14.71
CA CYS A 155 4.91 -37.14 -14.73
C CYS A 155 4.45 -36.07 -15.69
N THR A 156 4.85 -34.83 -15.42
CA THR A 156 4.62 -33.72 -16.34
C THR A 156 5.50 -33.88 -17.56
N HIS A 157 5.28 -33.05 -18.58
CA HIS A 157 6.16 -33.01 -19.73
C HIS A 157 7.51 -32.42 -19.30
N GLY A 158 8.50 -32.49 -20.18
CA GLY A 158 9.81 -31.96 -19.88
C GLY A 158 9.82 -30.44 -19.88
N ILE A 159 10.19 -29.85 -18.74
CA ILE A 159 10.19 -28.40 -18.58
C ILE A 159 11.60 -27.86 -18.37
N ARG A 160 12.03 -26.97 -19.25
CA ARG A 160 13.33 -26.31 -19.12
C ARG A 160 13.21 -25.12 -18.16
N PRO A 161 14.01 -25.12 -17.07
CA PRO A 161 13.91 -24.03 -16.10
C PRO A 161 14.62 -22.76 -16.56
N VAL A 162 14.07 -22.13 -17.58
CA VAL A 162 14.68 -20.93 -18.15
C VAL A 162 14.39 -19.71 -17.28
N VAL A 163 15.45 -19.11 -16.74
CA VAL A 163 15.33 -17.88 -15.96
C VAL A 163 15.44 -16.69 -16.91
N SER A 164 14.35 -15.96 -17.07
CA SER A 164 14.36 -14.83 -18.00
C SER A 164 13.21 -13.85 -17.81
N THR A 165 13.53 -12.59 -17.99
CA THR A 165 12.56 -11.55 -18.31
C THR A 165 12.98 -11.08 -19.70
N GLN A 166 12.08 -10.56 -20.54
CA GLN A 166 10.67 -10.36 -20.28
C GLN A 166 9.88 -11.30 -21.19
N LEU A 167 10.63 -12.10 -21.96
CA LEU A 167 10.06 -13.09 -22.86
C LEU A 167 10.26 -14.47 -22.27
N LEU A 168 9.34 -15.38 -22.59
CA LEU A 168 9.49 -16.78 -22.19
C LEU A 168 10.14 -17.56 -23.33
N LEU A 169 11.24 -18.24 -23.01
CA LEU A 169 12.07 -18.88 -24.03
C LEU A 169 12.08 -20.40 -23.88
N ASN A 170 12.14 -21.09 -25.02
CA ASN A 170 12.27 -22.55 -25.05
C ASN A 170 11.13 -23.26 -24.31
N GLY A 171 9.99 -22.59 -24.19
CA GLY A 171 8.84 -23.15 -23.50
C GLY A 171 7.97 -23.99 -24.43
N SER A 172 6.72 -24.19 -24.02
CA SER A 172 5.76 -24.95 -24.81
C SER A 172 4.79 -24.01 -25.54
N LEU A 173 4.23 -24.48 -26.65
CA LEU A 173 3.35 -23.68 -27.48
C LEU A 173 1.99 -24.34 -27.64
N ALA A 174 0.94 -23.53 -27.73
CA ALA A 174 -0.40 -24.03 -27.99
C ALA A 174 -0.53 -24.43 -29.46
N GLU A 175 -1.17 -25.55 -29.72
CA GLU A 175 -1.35 -26.02 -31.09
C GLU A 175 -2.37 -25.15 -31.82
N GLU A 176 -3.37 -24.69 -31.07
CA GLU A 176 -4.41 -23.84 -31.65
C GLU A 176 -3.90 -22.40 -31.77
N GLU A 177 -4.80 -21.43 -31.61
CA GLU A 177 -4.41 -20.02 -31.68
C GLU A 177 -3.86 -19.56 -30.34
N ILE A 178 -3.31 -18.34 -30.32
CA ILE A 178 -2.69 -17.79 -29.12
C ILE A 178 -3.67 -17.76 -27.94
N VAL A 179 -3.13 -17.97 -26.75
CA VAL A 179 -3.92 -17.94 -25.52
C VAL A 179 -3.28 -17.03 -24.47
N ILE A 180 -4.06 -16.10 -23.96
CA ILE A 180 -3.61 -15.21 -22.89
C ILE A 180 -4.33 -15.54 -21.59
N ARG A 181 -3.63 -15.41 -20.48
CA ARG A 181 -4.17 -15.82 -19.18
C ARG A 181 -3.81 -14.84 -18.08
N SER A 182 -4.75 -14.69 -17.14
CA SER A 182 -4.55 -13.86 -15.96
C SER A 182 -5.43 -14.38 -14.83
N GLU A 183 -4.99 -14.17 -13.58
CA GLU A 183 -5.80 -14.52 -12.43
C GLU A 183 -7.06 -13.67 -12.46
N ASN A 184 -6.93 -12.44 -12.93
CA ASN A 184 -8.07 -11.56 -13.16
C ASN A 184 -7.67 -10.39 -14.05
N PHE A 185 -8.29 -10.32 -15.23
CA PHE A 185 -7.93 -9.30 -16.21
C PHE A 185 -8.33 -7.89 -15.79
N THR A 186 -9.44 -7.76 -15.08
CA THR A 186 -9.89 -6.45 -14.62
C THR A 186 -9.02 -5.95 -13.47
N ASN A 187 -8.11 -6.80 -12.99
CA ASN A 187 -7.14 -6.43 -11.97
C ASN A 187 -5.82 -6.05 -12.63
N ASN A 188 -5.53 -4.75 -12.70
CA ASN A 188 -4.34 -4.28 -13.38
C ASN A 188 -3.05 -4.73 -12.70
N ALA A 189 -3.15 -5.10 -11.43
CA ALA A 189 -1.98 -5.50 -10.66
C ALA A 189 -1.49 -6.91 -11.01
N LYS A 190 -2.35 -7.70 -11.63
CA LYS A 190 -2.03 -9.11 -11.90
C LYS A 190 -1.43 -9.31 -13.29
N THR A 191 -0.34 -10.07 -13.33
CA THR A 191 0.42 -10.30 -14.56
C THR A 191 -0.41 -11.08 -15.58
N ILE A 192 -0.14 -10.79 -16.86
CA ILE A 192 -0.74 -11.53 -17.97
C ILE A 192 0.33 -12.40 -18.62
N ILE A 193 0.01 -13.68 -18.79
CA ILE A 193 0.94 -14.64 -19.40
C ILE A 193 0.44 -15.05 -20.79
N VAL A 194 1.18 -14.66 -21.81
CA VAL A 194 0.84 -14.97 -23.19
C VAL A 194 1.50 -16.26 -23.64
N GLN A 195 0.70 -17.19 -24.17
CA GLN A 195 1.21 -18.43 -24.74
C GLN A 195 1.06 -18.40 -26.25
N LEU A 196 2.19 -18.36 -26.95
CA LEU A 196 2.20 -18.30 -28.41
C LEU A 196 1.91 -19.68 -29.00
N ASN A 197 1.53 -19.70 -30.28
CA ASN A 197 1.35 -20.95 -31.01
C ASN A 197 2.40 -21.08 -32.11
N GLU A 198 2.89 -19.93 -32.57
CA GLU A 198 4.02 -19.88 -33.49
C GLU A 198 5.18 -19.19 -32.80
N SER A 199 6.31 -19.88 -32.68
CA SER A 199 7.46 -19.33 -31.98
C SER A 199 8.27 -18.40 -32.87
N VAL A 200 8.94 -17.46 -32.25
CA VAL A 200 9.84 -16.53 -32.95
C VAL A 200 11.26 -16.77 -32.49
N VAL A 201 12.10 -17.27 -33.39
CA VAL A 201 13.50 -17.54 -33.07
C VAL A 201 14.23 -16.23 -32.84
N ILE A 202 15.07 -16.19 -31.81
CA ILE A 202 15.90 -15.04 -31.52
C ILE A 202 17.34 -15.49 -31.27
N ASN A 203 18.27 -14.94 -32.05
CA ASN A 203 19.69 -15.26 -31.93
C ASN A 203 20.46 -14.12 -31.30
N CYS A 204 21.05 -14.39 -30.13
CA CYS A 204 21.87 -13.41 -29.44
C CYS A 204 23.34 -13.76 -29.61
N THR A 205 24.18 -12.73 -29.76
CA THR A 205 25.59 -12.95 -30.03
C THR A 205 26.47 -11.84 -29.48
N ARG A 206 27.59 -12.24 -28.89
CA ARG A 206 28.65 -11.31 -28.52
C ARG A 206 29.76 -11.46 -29.56
N PRO A 207 29.92 -10.47 -30.45
CA PRO A 207 30.90 -10.60 -31.54
C PRO A 207 32.32 -10.90 -31.06
N ASN A 208 33.02 -11.74 -31.82
CA ASN A 208 34.37 -12.18 -31.46
C ASN A 208 35.42 -11.09 -31.62
N ASN A 209 36.37 -11.07 -30.68
CA ASN A 209 37.51 -10.17 -30.74
C ASN A 209 37.09 -8.71 -30.88
N ASP A 217 34.69 -3.57 -27.43
CA ASP A 217 33.95 -3.76 -26.18
C ASP A 217 33.50 -5.21 -26.06
N ILE A 218 34.04 -5.90 -25.07
CA ILE A 218 33.72 -7.31 -24.84
C ILE A 218 32.32 -7.50 -24.25
N ARG A 219 31.71 -6.41 -23.81
CA ARG A 219 30.38 -6.47 -23.20
C ARG A 219 29.27 -6.11 -24.19
N GLN A 220 29.66 -5.65 -25.38
CA GLN A 220 28.69 -5.33 -26.42
C GLN A 220 28.15 -6.59 -27.08
N ALA A 221 26.84 -6.78 -26.99
CA ALA A 221 26.17 -7.90 -27.65
C ALA A 221 24.92 -7.41 -28.36
N HIS A 222 24.22 -8.31 -29.04
CA HIS A 222 23.01 -7.94 -29.75
C HIS A 222 22.18 -9.18 -30.11
N CYS A 223 20.86 -9.00 -30.17
CA CYS A 223 19.94 -10.07 -30.52
C CYS A 223 19.21 -9.75 -31.82
N ASN A 224 19.06 -10.75 -32.69
CA ASN A 224 18.33 -10.60 -33.94
C ASN A 224 17.12 -11.51 -34.03
N LEU A 225 16.00 -10.95 -34.49
CA LEU A 225 14.78 -11.72 -34.73
C LEU A 225 14.04 -11.10 -35.90
N SER A 226 13.12 -11.88 -36.49
CA SER A 226 12.40 -11.43 -37.66
C SER A 226 11.41 -10.31 -37.32
N LYS A 227 11.53 -9.19 -38.03
CA LYS A 227 10.59 -8.08 -37.87
C LYS A 227 9.20 -8.53 -38.28
N THR A 228 9.09 -9.06 -39.49
CA THR A 228 7.81 -9.48 -40.06
C THR A 228 7.09 -10.46 -39.16
N GLN A 229 7.85 -11.34 -38.51
CA GLN A 229 7.29 -12.39 -37.68
C GLN A 229 6.85 -11.83 -36.32
N TRP A 230 7.53 -10.78 -35.86
CA TRP A 230 7.22 -10.19 -34.57
C TRP A 230 6.02 -9.25 -34.66
N GLU A 231 5.94 -8.50 -35.75
CA GLU A 231 4.83 -7.58 -35.98
C GLU A 231 3.52 -8.35 -36.04
N ASN A 232 3.53 -9.45 -36.79
CA ASN A 232 2.35 -10.30 -36.94
C ASN A 232 1.99 -10.98 -35.63
N THR A 233 3.00 -11.22 -34.80
CA THR A 233 2.79 -11.79 -33.48
C THR A 233 2.11 -10.76 -32.58
N LEU A 234 2.64 -9.54 -32.57
CA LEU A 234 2.07 -8.46 -31.77
C LEU A 234 0.62 -8.19 -32.16
N GLU A 235 0.33 -8.30 -33.45
CA GLU A 235 -1.01 -8.03 -33.97
C GLU A 235 -2.01 -9.05 -33.46
N GLN A 236 -1.62 -10.33 -33.52
CA GLN A 236 -2.52 -11.41 -33.09
C GLN A 236 -2.69 -11.43 -31.58
N ILE A 237 -1.71 -10.89 -30.86
CA ILE A 237 -1.82 -10.77 -29.41
C ILE A 237 -2.85 -9.68 -29.09
N ALA A 238 -2.79 -8.59 -29.85
CA ALA A 238 -3.72 -7.48 -29.65
C ALA A 238 -5.16 -7.92 -29.90
N ILE A 239 -5.34 -8.85 -30.83
CA ILE A 239 -6.66 -9.37 -31.15
C ILE A 239 -7.22 -10.16 -29.97
N LYS A 240 -6.38 -10.97 -29.35
CA LYS A 240 -6.80 -11.75 -28.18
C LYS A 240 -7.07 -10.82 -27.00
N LEU A 241 -6.31 -9.73 -26.93
CA LEU A 241 -6.53 -8.73 -25.89
C LEU A 241 -7.85 -7.99 -26.12
N LYS A 242 -8.19 -7.78 -27.39
CA LYS A 242 -9.46 -7.12 -27.73
C LYS A 242 -10.65 -7.97 -27.30
N GLU A 243 -10.52 -9.29 -27.45
CA GLU A 243 -11.57 -10.21 -27.04
C GLU A 243 -11.83 -10.11 -25.54
N GLN A 244 -10.78 -9.76 -24.79
CA GLN A 244 -10.83 -9.78 -23.34
C GLN A 244 -11.30 -8.45 -22.74
N PHE A 245 -11.01 -7.35 -23.44
CA PHE A 245 -11.28 -6.02 -22.92
C PHE A 245 -12.35 -5.26 -23.72
N GLY A 246 -12.70 -5.79 -24.89
CA GLY A 246 -13.74 -5.19 -25.72
C GLY A 246 -13.22 -4.82 -27.10
N ASN A 247 -14.13 -4.84 -28.08
CA ASN A 247 -13.79 -4.51 -29.46
C ASN A 247 -13.43 -3.04 -29.63
N ASN A 248 -14.15 -2.18 -28.93
CA ASN A 248 -13.96 -0.72 -29.05
C ASN A 248 -12.64 -0.26 -28.45
N LYS A 249 -11.99 -1.11 -27.66
CA LYS A 249 -10.73 -0.75 -27.01
C LYS A 249 -9.56 -0.78 -27.98
N THR A 250 -8.79 0.30 -28.00
CA THR A 250 -7.58 0.39 -28.83
C THR A 250 -6.36 -0.05 -28.03
N ILE A 251 -5.63 -1.03 -28.55
CA ILE A 251 -4.49 -1.61 -27.84
C ILE A 251 -3.18 -0.95 -28.22
N ILE A 252 -2.30 -0.77 -27.24
CA ILE A 252 -0.98 -0.19 -27.44
C ILE A 252 0.04 -0.89 -26.55
N PHE A 253 1.25 -1.07 -27.07
CA PHE A 253 2.37 -1.62 -26.31
C PHE A 253 3.43 -0.56 -26.06
N ASN A 254 3.83 -0.41 -24.80
CA ASN A 254 4.90 0.50 -24.41
C ASN A 254 5.99 -0.22 -23.65
N PRO A 255 7.21 0.34 -23.64
CA PRO A 255 8.28 -0.25 -22.81
C PRO A 255 7.95 -0.22 -21.32
N SER A 256 8.74 -0.93 -20.51
CA SER A 256 8.48 -1.02 -19.08
C SER A 256 8.48 0.37 -18.42
N SER A 257 7.70 0.50 -17.36
CA SER A 257 7.57 1.77 -16.66
C SER A 257 8.78 2.07 -15.77
N GLY A 258 9.58 1.04 -15.51
CA GLY A 258 10.75 1.17 -14.65
C GLY A 258 10.94 -0.04 -13.76
N GLY A 259 11.92 0.07 -12.85
CA GLY A 259 12.24 -1.01 -11.93
C GLY A 259 13.69 -1.42 -12.06
N ASP A 260 14.01 -2.62 -11.56
CA ASP A 260 15.37 -3.13 -11.64
C ASP A 260 15.80 -3.28 -13.10
N PRO A 261 17.11 -3.19 -13.39
CA PRO A 261 17.58 -3.39 -14.75
C PRO A 261 17.11 -4.71 -15.36
N GLU A 262 16.99 -5.74 -14.52
CA GLU A 262 16.60 -7.07 -14.98
C GLU A 262 15.22 -7.11 -15.62
N ILE A 263 14.28 -6.33 -15.08
CA ILE A 263 12.90 -6.35 -15.56
C ILE A 263 12.61 -5.22 -16.55
N VAL A 264 13.46 -4.19 -16.53
CA VAL A 264 13.34 -3.10 -17.51
C VAL A 264 13.82 -3.58 -18.88
N THR A 265 14.84 -4.44 -18.88
CA THR A 265 15.36 -5.02 -20.11
C THR A 265 14.91 -6.47 -20.23
N HIS A 266 15.16 -7.06 -21.40
CA HIS A 266 14.98 -8.49 -21.60
C HIS A 266 16.23 -9.21 -21.10
N SER A 267 16.18 -9.70 -19.87
CA SER A 267 17.36 -10.30 -19.22
C SER A 267 17.32 -11.82 -19.27
N PHE A 268 18.45 -12.41 -19.62
CA PHE A 268 18.55 -13.86 -19.73
C PHE A 268 20.02 -14.28 -19.64
N ASN A 269 20.24 -15.59 -19.57
CA ASN A 269 21.59 -16.14 -19.55
C ASN A 269 21.93 -16.80 -20.88
N CYS A 270 23.18 -16.67 -21.30
CA CYS A 270 23.63 -17.26 -22.55
C CYS A 270 25.12 -17.64 -22.45
N GLY A 271 25.36 -18.93 -22.25
CA GLY A 271 26.72 -19.44 -22.14
C GLY A 271 27.38 -19.04 -20.83
N GLY A 272 26.57 -18.88 -19.79
CA GLY A 272 27.07 -18.53 -18.47
C GLY A 272 27.15 -17.03 -18.25
N GLU A 273 26.98 -16.26 -19.32
CA GLU A 273 27.03 -14.80 -19.24
C GLU A 273 25.62 -14.23 -19.14
N PHE A 274 25.47 -13.15 -18.36
CA PHE A 274 24.17 -12.53 -18.13
C PHE A 274 23.93 -11.37 -19.09
N PHE A 275 22.91 -11.53 -19.94
CA PHE A 275 22.59 -10.52 -20.95
C PHE A 275 21.50 -9.56 -20.48
N TYR A 276 21.60 -8.32 -20.94
CA TYR A 276 20.55 -7.32 -20.71
C TYR A 276 20.28 -6.61 -22.04
N CYS A 277 19.19 -6.99 -22.69
CA CYS A 277 18.88 -6.49 -24.03
C CYS A 277 17.77 -5.45 -24.04
N ASN A 278 18.05 -4.32 -24.69
CA ASN A 278 17.07 -3.26 -24.87
C ASN A 278 15.92 -3.73 -25.76
N SER A 279 14.73 -3.85 -25.17
CA SER A 279 13.57 -4.40 -25.87
C SER A 279 12.57 -3.33 -26.30
N THR A 280 13.04 -2.09 -26.41
CA THR A 280 12.17 -0.98 -26.80
C THR A 280 11.52 -1.22 -28.16
N GLN A 281 12.27 -1.86 -29.05
CA GLN A 281 11.79 -2.11 -30.41
C GLN A 281 10.76 -3.23 -30.45
N LEU A 282 10.70 -4.03 -29.39
CA LEU A 282 9.74 -5.13 -29.32
C LEU A 282 8.40 -4.66 -28.76
N PHE A 283 8.44 -3.62 -27.94
CA PHE A 283 7.26 -3.17 -27.21
C PHE A 283 6.95 -1.70 -27.44
N THR A 284 6.99 -1.31 -28.72
CA THR A 284 6.49 -0.02 -29.16
C THR A 284 5.62 -0.27 -30.40
N TRP A 285 4.32 -0.11 -30.23
CA TRP A 285 3.36 -0.59 -31.22
C TRP A 285 2.00 0.11 -31.08
N ASN A 286 1.31 0.31 -32.20
CA ASN A 286 -0.02 0.90 -32.18
C ASN A 286 -0.95 0.27 -33.21
N GLY A 295 13.25 -3.16 -42.64
CA GLY A 295 14.25 -3.96 -41.97
C GLY A 295 13.70 -5.27 -41.48
N ARG A 296 13.83 -6.32 -42.29
CA ARG A 296 13.22 -7.61 -42.00
C ARG A 296 13.76 -8.26 -40.71
N ASN A 297 14.88 -7.74 -40.21
CA ASN A 297 15.44 -8.18 -38.94
C ASN A 297 15.46 -7.04 -37.91
N ILE A 298 15.20 -7.39 -36.66
CA ILE A 298 15.24 -6.44 -35.55
C ILE A 298 16.47 -6.69 -34.69
N THR A 299 17.38 -5.71 -34.65
CA THR A 299 18.59 -5.81 -33.83
C THR A 299 18.42 -5.04 -32.53
N LEU A 300 18.44 -5.77 -31.42
CA LEU A 300 18.36 -5.15 -30.10
C LEU A 300 19.76 -5.01 -29.49
N PRO A 301 20.12 -3.79 -29.04
CA PRO A 301 21.43 -3.63 -28.42
C PRO A 301 21.47 -4.26 -27.01
N CYS A 302 22.41 -5.18 -26.79
CA CYS A 302 22.51 -5.89 -25.52
C CYS A 302 23.81 -5.54 -24.80
N ARG A 303 23.80 -5.76 -23.48
CA ARG A 303 24.97 -5.57 -22.64
C ARG A 303 25.16 -6.77 -21.72
N ILE A 304 26.40 -7.26 -21.63
CA ILE A 304 26.74 -8.27 -20.65
C ILE A 304 27.16 -7.56 -19.36
N LYS A 305 26.64 -8.02 -18.23
CA LYS A 305 26.93 -7.40 -16.95
C LYS A 305 27.54 -8.39 -15.97
N GLN A 306 28.63 -7.96 -15.33
CA GLN A 306 29.33 -8.78 -14.34
C GLN A 306 28.65 -8.65 -12.99
N ILE A 307 28.26 -7.43 -12.65
CA ILE A 307 27.61 -7.14 -11.38
C ILE A 307 26.09 -7.18 -11.58
N ILE A 308 25.44 -8.14 -10.93
CA ILE A 308 24.00 -8.35 -11.09
C ILE A 308 23.26 -8.46 -9.77
N ASN A 309 21.96 -8.24 -9.83
CA ASN A 309 21.07 -8.58 -8.71
C ASN A 309 20.65 -10.04 -8.84
N MET A 310 20.60 -10.74 -7.71
CA MET A 310 20.21 -12.14 -7.71
C MET A 310 18.70 -12.28 -7.57
N TRP A 311 18.07 -12.91 -8.55
CA TRP A 311 16.63 -13.09 -8.54
C TRP A 311 16.19 -14.00 -7.39
N GLN A 312 17.12 -14.82 -6.90
CA GLN A 312 16.77 -15.85 -5.93
C GLN A 312 16.98 -15.43 -4.47
N GLU A 313 17.67 -14.30 -4.25
CA GLU A 313 17.88 -13.82 -2.88
C GLU A 313 18.33 -12.37 -2.81
N VAL A 314 18.18 -11.79 -1.63
CA VAL A 314 18.65 -10.44 -1.36
C VAL A 314 20.16 -10.40 -1.32
N GLY A 315 20.74 -9.42 -2.01
CA GLY A 315 22.18 -9.24 -2.03
C GLY A 315 22.66 -8.81 -3.40
N LYS A 316 23.93 -9.09 -3.68
CA LYS A 316 24.53 -8.75 -4.97
C LYS A 316 25.66 -9.71 -5.30
N ALA A 317 25.78 -10.07 -6.58
CA ALA A 317 26.82 -10.97 -7.05
C ALA A 317 27.66 -10.33 -8.13
N MET A 318 28.96 -10.66 -8.14
CA MET A 318 29.88 -10.18 -9.16
C MET A 318 30.62 -11.34 -9.80
N TYR A 319 30.51 -11.46 -11.12
CA TYR A 319 31.15 -12.54 -11.87
C TYR A 319 32.34 -12.02 -12.67
N ALA A 320 33.10 -12.94 -13.24
CA ALA A 320 34.26 -12.57 -14.05
C ALA A 320 33.80 -12.03 -15.39
N PRO A 321 34.65 -11.20 -16.05
CA PRO A 321 34.29 -10.71 -17.38
C PRO A 321 34.13 -11.83 -18.39
N PRO A 322 33.43 -11.58 -19.50
CA PRO A 322 33.13 -12.64 -20.47
C PRO A 322 34.35 -13.17 -21.21
N ILE A 323 34.25 -14.42 -21.66
CA ILE A 323 35.31 -15.07 -22.42
C ILE A 323 35.49 -14.40 -23.77
N ARG A 324 36.73 -14.37 -24.27
CA ARG A 324 36.97 -13.96 -25.64
C ARG A 324 36.49 -15.08 -26.55
N GLY A 325 36.21 -14.76 -27.80
CA GLY A 325 35.75 -15.74 -28.76
C GLY A 325 34.27 -15.62 -29.05
N GLN A 326 33.61 -16.76 -29.19
CA GLN A 326 32.21 -16.79 -29.60
C GLN A 326 31.27 -17.10 -28.44
N ILE A 327 30.37 -16.17 -28.17
CA ILE A 327 29.25 -16.40 -27.27
C ILE A 327 27.97 -16.21 -28.09
N ARG A 328 27.26 -17.30 -28.33
CA ARG A 328 26.07 -17.25 -29.17
C ARG A 328 25.01 -18.23 -28.70
N CYS A 329 23.76 -17.79 -28.74
CA CYS A 329 22.61 -18.63 -28.40
C CYS A 329 21.53 -18.48 -29.45
N SER A 330 20.55 -19.40 -29.42
CA SER A 330 19.42 -19.36 -30.33
C SER A 330 18.20 -19.97 -29.64
N SER A 331 17.26 -19.09 -29.24
CA SER A 331 16.14 -19.51 -28.41
C SER A 331 14.81 -19.35 -29.12
N ASN A 332 13.85 -20.19 -28.74
CA ASN A 332 12.47 -20.07 -29.22
C ASN A 332 11.66 -19.19 -28.29
N ILE A 333 11.29 -18.00 -28.76
CA ILE A 333 10.33 -17.18 -28.03
C ILE A 333 8.98 -17.90 -28.10
N THR A 334 8.49 -18.34 -26.95
CA THR A 334 7.27 -19.14 -26.90
C THR A 334 6.18 -18.48 -26.07
N GLY A 335 6.54 -17.40 -25.37
CA GLY A 335 5.57 -16.70 -24.54
C GLY A 335 6.05 -15.33 -24.13
N LEU A 336 5.14 -14.55 -23.54
CA LEU A 336 5.45 -13.22 -23.05
C LEU A 336 4.83 -13.01 -21.68
N LEU A 337 5.41 -12.09 -20.91
CA LEU A 337 4.82 -11.64 -19.65
C LEU A 337 4.44 -10.17 -19.77
N LEU A 338 3.14 -9.89 -19.67
CA LEU A 338 2.64 -8.53 -19.87
C LEU A 338 1.96 -7.98 -18.62
N THR A 339 1.96 -6.66 -18.52
CA THR A 339 1.29 -5.95 -17.43
C THR A 339 0.47 -4.81 -17.99
N ARG A 340 -0.76 -4.66 -17.49
CA ARG A 340 -1.67 -3.61 -17.95
C ARG A 340 -1.67 -2.44 -16.97
N ASP A 341 -1.67 -1.23 -17.51
CA ASP A 341 -1.59 -0.02 -16.70
C ASP A 341 -2.80 0.17 -15.80
N GLY A 342 -4.00 0.16 -16.39
CA GLY A 342 -5.19 0.54 -15.66
C GLY A 342 -4.99 1.92 -15.07
N GLY A 343 -4.83 1.98 -13.75
CA GLY A 343 -4.39 3.19 -13.08
C GLY A 343 -5.42 4.30 -12.99
N LYS A 344 -6.28 4.41 -13.99
CA LYS A 344 -7.27 5.49 -14.04
C LYS A 344 -8.54 5.03 -14.74
N ASP A 345 -9.51 5.94 -14.82
CA ASP A 345 -10.74 5.68 -15.55
C ASP A 345 -10.42 5.39 -17.00
N THR A 346 -11.06 4.38 -17.58
CA THR A 346 -10.76 3.93 -18.93
C THR A 346 -10.83 5.05 -19.95
N ASN A 347 -9.77 5.18 -20.75
CA ASN A 347 -9.66 6.22 -21.77
C ASN A 347 -10.03 5.69 -23.14
N GLY A 348 -10.45 4.43 -23.20
CA GLY A 348 -10.69 3.74 -24.46
C GLY A 348 -9.42 3.08 -24.95
N THR A 349 -8.30 3.43 -24.33
CA THR A 349 -7.00 2.88 -24.69
C THR A 349 -6.42 2.08 -23.52
N GLU A 350 -5.89 0.90 -23.83
CA GLU A 350 -5.24 0.05 -22.83
C GLU A 350 -3.77 -0.12 -23.17
N ILE A 351 -2.90 0.29 -22.26
CA ILE A 351 -1.46 0.18 -22.45
C ILE A 351 -0.92 -1.06 -21.75
N PHE A 352 -0.21 -1.89 -22.52
CA PHE A 352 0.42 -3.09 -21.99
C PHE A 352 1.95 -2.96 -22.08
N ARG A 353 2.63 -3.47 -21.06
CA ARG A 353 4.08 -3.38 -20.98
C ARG A 353 4.70 -4.73 -20.62
N PRO A 354 5.95 -4.98 -21.04
CA PRO A 354 6.61 -6.24 -20.69
C PRO A 354 6.81 -6.39 -19.19
N GLY A 355 6.61 -7.61 -18.68
CA GLY A 355 6.71 -7.89 -17.26
C GLY A 355 7.83 -8.85 -16.93
N GLY A 356 7.61 -9.66 -15.90
CA GLY A 356 8.61 -10.58 -15.41
C GLY A 356 9.21 -10.11 -14.10
N GLY A 357 10.13 -10.88 -13.55
CA GLY A 357 10.74 -10.58 -12.27
C GLY A 357 10.46 -11.67 -11.26
N ASP A 358 9.19 -12.06 -11.18
CA ASP A 358 8.78 -13.20 -10.37
C ASP A 358 8.84 -14.46 -11.23
N MET A 359 9.83 -15.30 -10.97
CA MET A 359 10.08 -16.47 -11.80
C MET A 359 9.04 -17.55 -11.60
N ARG A 360 8.20 -17.40 -10.58
CA ARG A 360 7.08 -18.31 -10.38
C ARG A 360 6.17 -18.28 -11.61
N ASP A 361 6.05 -17.12 -12.24
CA ASP A 361 5.23 -16.97 -13.42
C ASP A 361 5.81 -17.73 -14.61
N ASN A 362 7.14 -17.80 -14.67
CA ASN A 362 7.80 -18.56 -15.72
C ASN A 362 7.47 -20.03 -15.61
N TRP A 363 7.52 -20.57 -14.40
CA TRP A 363 7.20 -21.97 -14.18
C TRP A 363 5.72 -22.20 -14.42
N ARG A 364 4.91 -21.20 -14.06
CA ARG A 364 3.46 -21.28 -14.17
C ARG A 364 3.04 -21.48 -15.62
N SER A 365 3.78 -20.90 -16.55
CA SER A 365 3.42 -20.95 -17.96
C SER A 365 3.50 -22.38 -18.53
N GLU A 366 4.14 -23.28 -17.78
CA GLU A 366 4.30 -24.67 -18.18
C GLU A 366 3.48 -25.62 -17.32
N LEU A 367 3.29 -25.26 -16.05
CA LEU A 367 2.63 -26.13 -15.08
C LEU A 367 1.13 -25.85 -14.95
N TYR A 368 0.63 -24.88 -15.71
CA TYR A 368 -0.74 -24.41 -15.57
C TYR A 368 -1.78 -25.53 -15.77
N LYS A 369 -1.41 -26.55 -16.52
CA LYS A 369 -2.32 -27.62 -16.88
C LYS A 369 -2.33 -28.75 -15.86
N TYR A 370 -1.44 -28.70 -14.88
CA TYR A 370 -1.25 -29.81 -13.94
C TYR A 370 -1.73 -29.50 -12.53
N LYS A 371 -2.23 -30.53 -11.84
CA LYS A 371 -2.53 -30.44 -10.42
C LYS A 371 -2.29 -31.79 -9.77
N VAL A 372 -1.83 -31.77 -8.52
CA VAL A 372 -1.58 -32.99 -7.77
C VAL A 372 -2.75 -33.30 -6.84
N VAL A 373 -3.10 -34.58 -6.73
CA VAL A 373 -4.18 -35.02 -5.86
C VAL A 373 -3.78 -36.26 -5.07
N LYS A 374 -4.35 -36.40 -3.88
CA LYS A 374 -4.17 -37.60 -3.06
C LYS A 374 -5.20 -38.63 -3.48
N ILE A 375 -4.75 -39.66 -4.19
CA ILE A 375 -5.65 -40.57 -4.90
C ILE A 375 -6.53 -41.41 -3.97
N GLU A 376 -6.27 -41.35 -2.67
CA GLU A 376 -7.02 -42.12 -1.69
C GLU A 376 -8.54 -41.95 -1.85
N GLN B 1 8.99 -13.41 11.12
CA GLN B 1 8.77 -11.95 11.37
C GLN B 1 9.93 -11.13 10.78
N GLY B 2 9.67 -9.96 10.20
CA GLY B 2 8.35 -9.35 10.08
C GLY B 2 8.38 -7.90 10.52
N GLN B 3 9.43 -7.19 10.11
CA GLN B 3 9.63 -5.81 10.55
C GLN B 3 9.81 -4.87 9.36
N LEU B 4 9.31 -3.65 9.53
CA LEU B 4 9.51 -2.58 8.55
C LEU B 4 10.00 -1.34 9.28
N VAL B 5 11.26 -0.98 9.04
CA VAL B 5 11.89 0.14 9.72
C VAL B 5 12.15 1.28 8.74
N GLN B 6 11.47 2.40 8.96
CA GLN B 6 11.58 3.54 8.07
C GLN B 6 12.63 4.53 8.55
N SER B 7 13.06 5.40 7.65
CA SER B 7 13.92 6.53 7.99
C SER B 7 13.74 7.63 6.95
N GLY B 8 13.96 8.88 7.37
CA GLY B 8 13.76 10.03 6.50
C GLY B 8 12.56 10.85 6.94
N GLY B 9 12.32 11.95 6.24
CA GLY B 9 11.23 12.85 6.57
C GLY B 9 11.75 14.12 7.24
N GLY B 10 10.89 14.75 8.02
CA GLY B 10 11.24 15.97 8.74
C GLY B 10 10.68 17.21 8.08
N LEU B 11 11.23 18.36 8.43
CA LEU B 11 10.78 19.64 7.89
C LEU B 11 11.34 19.88 6.50
N LYS B 12 10.44 20.16 5.56
CA LYS B 12 10.82 20.45 4.17
C LYS B 12 10.22 21.78 3.73
N LYS B 13 10.95 22.52 2.90
CA LYS B 13 10.42 23.75 2.33
C LYS B 13 9.67 23.42 1.04
N PRO B 14 8.63 24.22 0.71
CA PRO B 14 7.85 23.93 -0.50
C PRO B 14 8.70 23.96 -1.78
N GLY B 15 8.47 23.01 -2.67
CA GLY B 15 9.21 22.93 -3.92
C GLY B 15 10.30 21.88 -3.89
N THR B 16 10.79 21.55 -2.70
CA THR B 16 11.86 20.57 -2.55
C THR B 16 11.31 19.15 -2.71
N SER B 17 12.20 18.18 -2.52
CA SER B 17 11.85 16.77 -2.61
C SER B 17 12.18 16.07 -1.31
N VAL B 18 11.52 14.94 -1.05
CA VAL B 18 11.78 14.15 0.15
C VAL B 18 11.90 12.67 -0.19
N THR B 19 12.83 12.00 0.49
CA THR B 19 13.06 10.57 0.30
C THR B 19 12.85 9.84 1.62
N ILE B 20 12.06 8.78 1.58
CA ILE B 20 11.81 7.94 2.74
C ILE B 20 12.20 6.50 2.42
N SER B 21 13.04 5.91 3.27
CA SER B 21 13.48 4.54 3.07
C SER B 21 12.70 3.60 3.97
N CYS B 22 12.71 2.32 3.61
CA CYS B 22 11.97 1.31 4.37
C CYS B 22 12.67 -0.03 4.29
N LEU B 23 13.42 -0.35 5.34
CA LEU B 23 14.14 -1.62 5.40
C LEU B 23 13.20 -2.76 5.80
N ALA B 24 13.18 -3.80 4.98
CA ALA B 24 12.30 -4.94 5.21
C ALA B 24 13.11 -6.20 5.50
N SER B 25 12.49 -7.15 6.19
CA SER B 25 13.09 -8.47 6.38
C SER B 25 13.26 -9.10 5.00
N GLU B 26 14.19 -10.04 4.90
CA GLU B 26 14.44 -10.71 3.62
C GLU B 26 13.19 -11.44 3.14
N TYR B 27 12.49 -12.08 4.08
CA TYR B 27 11.26 -12.79 3.77
C TYR B 27 10.20 -11.86 3.19
N THR B 28 9.98 -10.73 3.84
CA THR B 28 9.01 -9.74 3.36
C THR B 28 9.41 -9.22 1.98
N PHE B 29 10.65 -8.78 1.87
CA PHE B 29 11.17 -8.22 0.62
C PHE B 29 11.07 -9.20 -0.54
N ASN B 30 11.21 -10.49 -0.24
CA ASN B 30 11.21 -11.52 -1.26
C ASN B 30 9.81 -12.00 -1.68
N GLU B 31 8.84 -11.92 -0.77
CA GLU B 31 7.56 -12.58 -0.96
C GLU B 31 6.35 -11.64 -1.02
N PHE B 32 6.51 -10.42 -0.51
CA PHE B 32 5.38 -9.52 -0.34
C PHE B 32 5.45 -8.27 -1.22
N VAL B 33 4.28 -7.69 -1.47
CA VAL B 33 4.18 -6.35 -2.04
C VAL B 33 4.40 -5.38 -0.90
N ILE B 34 4.93 -4.19 -1.20
CA ILE B 34 5.08 -3.15 -0.19
C ILE B 34 4.45 -1.85 -0.69
N HIS B 35 3.37 -1.45 -0.04
CA HIS B 35 2.67 -0.22 -0.38
C HIS B 35 3.40 1.00 0.19
N TRP B 36 3.18 2.15 -0.45
CA TRP B 36 3.49 3.43 0.16
C TRP B 36 2.17 4.17 0.40
N ILE B 37 1.88 4.46 1.66
CA ILE B 37 0.60 5.02 2.06
C ILE B 37 0.81 6.19 3.03
N ARG B 38 0.08 7.28 2.82
CA ARG B 38 0.18 8.44 3.70
C ARG B 38 -1.16 8.73 4.37
N GLN B 39 -1.10 9.51 5.45
CA GLN B 39 -2.30 9.92 6.16
C GLN B 39 -2.13 11.33 6.72
N ALA B 40 -2.89 12.27 6.17
CA ALA B 40 -2.85 13.65 6.64
C ALA B 40 -3.67 13.80 7.91
N PRO B 41 -3.44 14.90 8.66
CA PRO B 41 -4.19 15.14 9.90
C PRO B 41 -5.71 15.22 9.68
N GLY B 42 -6.46 14.42 10.45
CA GLY B 42 -7.91 14.43 10.38
C GLY B 42 -8.46 13.67 9.18
N GLN B 43 -7.57 13.04 8.42
CA GLN B 43 -7.96 12.29 7.23
C GLN B 43 -7.68 10.81 7.40
N GLY B 44 -8.20 10.00 6.47
CA GLY B 44 -7.93 8.58 6.44
C GLY B 44 -6.72 8.28 5.59
N PRO B 45 -6.31 7.01 5.51
CA PRO B 45 -5.14 6.63 4.72
C PRO B 45 -5.34 6.88 3.22
N LEU B 46 -4.27 7.25 2.53
CA LEU B 46 -4.29 7.43 1.08
C LEU B 46 -3.19 6.63 0.42
N TRP B 47 -3.56 5.78 -0.52
CA TRP B 47 -2.61 4.92 -1.24
C TRP B 47 -1.86 5.72 -2.31
N LEU B 48 -0.53 5.66 -2.26
CA LEU B 48 0.32 6.42 -3.17
C LEU B 48 0.93 5.53 -4.26
N GLY B 49 1.37 4.34 -3.87
CA GLY B 49 1.98 3.42 -4.81
C GLY B 49 2.39 2.13 -4.13
N LEU B 50 2.91 1.20 -4.93
CA LEU B 50 3.41 -0.07 -4.39
C LEU B 50 4.56 -0.61 -5.22
N ILE B 51 5.28 -1.56 -4.64
CA ILE B 51 6.33 -2.30 -5.33
C ILE B 51 6.07 -3.79 -5.15
N LYS B 52 5.82 -4.48 -6.26
CA LYS B 52 5.59 -5.92 -6.21
C LYS B 52 6.90 -6.64 -5.99
N ARG B 53 6.83 -7.90 -5.55
CA ARG B 53 8.02 -8.69 -5.29
C ARG B 53 8.80 -8.92 -6.58
N SER B 54 8.10 -8.86 -7.72
CA SER B 54 8.74 -8.98 -9.02
C SER B 54 9.59 -7.75 -9.32
N GLY B 55 9.26 -6.64 -8.68
CA GLY B 55 9.96 -5.39 -8.87
C GLY B 55 9.10 -4.34 -9.57
N ARG B 56 7.92 -4.76 -10.05
CA ARG B 56 7.03 -3.86 -10.77
C ARG B 56 6.62 -2.67 -9.92
N LEU B 57 6.68 -1.49 -10.52
CA LEU B 57 6.30 -0.25 -9.86
C LEU B 57 4.92 0.19 -10.33
N MET B 58 4.08 0.59 -9.38
CA MET B 58 2.76 1.13 -9.69
C MET B 58 2.49 2.32 -8.79
N THR B 59 2.17 3.47 -9.40
CA THR B 59 1.89 4.69 -8.65
C THR B 59 0.48 5.20 -8.93
N ALA B 60 -0.06 5.95 -7.98
CA ALA B 60 -1.35 6.59 -8.16
C ALA B 60 -1.25 7.63 -9.29
N TYR B 61 -2.24 7.64 -10.17
CA TYR B 61 -2.22 8.52 -11.34
C TYR B 61 -2.03 9.98 -10.97
N ASN B 62 -2.53 10.38 -9.81
CA ASN B 62 -2.45 11.77 -9.37
C ASN B 62 -1.08 12.17 -8.81
N PHE B 63 -0.18 11.20 -8.72
CA PHE B 63 1.16 11.44 -8.17
C PHE B 63 2.28 11.03 -9.12
N GLN B 64 1.91 10.44 -10.27
CA GLN B 64 2.89 9.79 -11.14
C GLN B 64 3.95 10.74 -11.69
N ASP B 65 3.64 12.03 -11.74
CA ASP B 65 4.57 13.03 -12.27
C ASP B 65 5.50 13.57 -11.19
N ARG B 66 5.21 13.25 -9.94
CA ARG B 66 5.96 13.78 -8.80
C ARG B 66 6.51 12.68 -7.92
N LEU B 67 5.99 11.46 -8.09
CA LEU B 67 6.33 10.34 -7.22
C LEU B 67 7.13 9.27 -7.96
N SER B 68 8.23 8.85 -7.35
CA SER B 68 9.09 7.80 -7.92
C SER B 68 9.43 6.75 -6.88
N LEU B 69 9.21 5.48 -7.23
CA LEU B 69 9.51 4.37 -6.36
C LEU B 69 10.69 3.56 -6.89
N ARG B 70 11.46 2.96 -5.99
CA ARG B 70 12.56 2.10 -6.37
C ARG B 70 12.96 1.20 -5.20
N ARG B 71 13.67 0.12 -5.49
CA ARG B 71 14.12 -0.80 -4.46
C ARG B 71 15.60 -1.13 -4.62
N ASP B 72 16.25 -1.41 -3.49
CA ASP B 72 17.66 -1.80 -3.46
C ASP B 72 17.76 -3.26 -3.06
N ARG B 73 17.96 -4.13 -4.04
CA ARG B 73 17.99 -5.57 -3.80
C ARG B 73 19.22 -6.02 -3.02
N SER B 74 20.15 -5.09 -2.79
CA SER B 74 21.38 -5.41 -2.07
C SER B 74 21.13 -5.56 -0.57
N THR B 75 20.18 -4.78 -0.06
CA THR B 75 19.90 -4.73 1.37
C THR B 75 18.45 -5.08 1.69
N GLY B 76 17.60 -5.08 0.68
CA GLY B 76 16.19 -5.34 0.88
C GLY B 76 15.48 -4.11 1.40
N THR B 77 15.72 -2.98 0.73
CA THR B 77 15.13 -1.71 1.10
C THR B 77 14.36 -1.12 -0.07
N VAL B 78 13.25 -0.46 0.23
CA VAL B 78 12.45 0.23 -0.78
C VAL B 78 12.40 1.72 -0.47
N PHE B 79 12.16 2.52 -1.51
CA PHE B 79 12.20 3.97 -1.39
C PHE B 79 11.03 4.62 -2.12
N MET B 80 10.64 5.80 -1.65
CA MET B 80 9.76 6.68 -2.39
C MET B 80 10.36 8.08 -2.43
N GLU B 81 10.33 8.70 -3.61
CA GLU B 81 10.71 10.09 -3.75
C GLU B 81 9.50 10.90 -4.15
N LEU B 82 9.16 11.89 -3.33
CA LEU B 82 8.06 12.81 -3.64
C LEU B 82 8.64 14.19 -3.91
N ARG B 83 8.50 14.65 -5.15
CA ARG B 83 9.07 15.92 -5.57
C ARG B 83 7.99 17.00 -5.60
N GLY B 84 8.42 18.25 -5.75
CA GLY B 84 7.51 19.39 -5.81
C GLY B 84 6.56 19.43 -4.63
N LEU B 85 7.14 19.37 -3.43
CA LEU B 85 6.35 19.28 -2.20
C LEU B 85 5.45 20.48 -1.99
N ARG B 86 4.24 20.21 -1.49
CA ARG B 86 3.28 21.25 -1.16
C ARG B 86 2.86 21.13 0.30
N PRO B 87 2.28 22.20 0.87
CA PRO B 87 1.84 22.13 2.27
C PRO B 87 0.90 20.97 2.56
N ASP B 88 0.06 20.59 1.59
CA ASP B 88 -0.90 19.51 1.81
C ASP B 88 -0.29 18.13 1.59
N ASP B 89 1.01 18.08 1.30
CA ASP B 89 1.75 16.82 1.33
C ASP B 89 2.12 16.48 2.77
N THR B 90 1.88 17.43 3.67
CA THR B 90 2.12 17.21 5.09
C THR B 90 1.30 16.03 5.60
N ALA B 91 1.98 14.98 6.01
CA ALA B 91 1.31 13.77 6.47
C ALA B 91 2.31 12.82 7.10
N VAL B 92 1.80 11.76 7.72
CA VAL B 92 2.62 10.65 8.14
C VAL B 92 2.70 9.67 6.98
N TYR B 93 3.91 9.33 6.58
CA TYR B 93 4.12 8.43 5.44
C TYR B 93 4.51 7.03 5.91
N TYR B 94 3.78 6.04 5.44
CA TYR B 94 3.98 4.65 5.82
C TYR B 94 4.44 3.79 4.65
N CYS B 95 5.32 2.84 4.94
CA CYS B 95 5.51 1.68 4.08
C CYS B 95 4.82 0.52 4.78
N ALA B 96 4.20 -0.38 4.03
CA ALA B 96 3.47 -1.48 4.62
C ALA B 96 3.33 -2.64 3.65
N ARG B 97 3.50 -3.86 4.15
CA ARG B 97 3.55 -5.05 3.29
C ARG B 97 2.17 -5.65 3.07
N ASP B 98 2.07 -6.47 2.03
CA ASP B 98 0.80 -7.09 1.66
C ASP B 98 1.05 -8.23 0.68
N GLY B 99 0.53 -9.41 1.00
CA GLY B 99 0.70 -10.57 0.14
C GLY B 99 0.06 -10.36 -1.21
N LEU B 100 -1.04 -9.62 -1.21
CA LEU B 100 -1.80 -9.31 -2.42
C LEU B 100 -2.24 -10.58 -3.14
N GLY B 101 -2.57 -11.61 -2.35
CA GLY B 101 -3.06 -12.86 -2.89
C GLY B 101 -2.04 -13.65 -3.69
N GLU B 102 -0.76 -13.44 -3.41
CA GLU B 102 0.30 -14.08 -4.17
C GLU B 102 1.22 -14.95 -3.31
N VAL B 103 1.09 -14.85 -1.99
CA VAL B 103 1.92 -15.62 -1.07
C VAL B 103 1.25 -16.96 -0.72
N ALA B 104 1.92 -18.05 -1.07
CA ALA B 104 1.41 -19.38 -0.76
C ALA B 104 1.58 -19.68 0.73
N PRO B 105 0.77 -20.60 1.27
CA PRO B 105 -0.31 -21.37 0.65
C PRO B 105 -1.69 -20.76 0.87
N ASP B 106 -1.78 -19.65 1.59
CA ASP B 106 -3.06 -19.02 1.91
C ASP B 106 -3.54 -18.10 0.80
N TYR B 107 -2.60 -17.37 0.19
CA TYR B 107 -2.91 -16.41 -0.87
C TYR B 107 -3.90 -15.34 -0.38
N ARG B 108 -3.48 -14.59 0.64
CA ARG B 108 -4.34 -13.59 1.27
C ARG B 108 -3.97 -12.16 0.88
N TYR B 109 -4.99 -11.32 0.73
CA TYR B 109 -4.82 -9.87 0.69
C TYR B 109 -4.97 -9.31 2.09
N GLY B 110 -4.41 -8.12 2.32
CA GLY B 110 -4.49 -7.47 3.62
C GLY B 110 -3.14 -6.93 4.06
N ILE B 111 -3.11 -5.64 4.38
CA ILE B 111 -1.88 -4.99 4.81
C ILE B 111 -1.63 -5.29 6.28
N ASP B 112 -0.83 -6.32 6.54
CA ASP B 112 -0.72 -6.87 7.90
C ASP B 112 0.42 -6.29 8.73
N VAL B 113 1.47 -5.78 8.09
CA VAL B 113 2.58 -5.15 8.80
C VAL B 113 2.83 -3.74 8.29
N TRP B 114 2.88 -2.79 9.21
CA TRP B 114 3.11 -1.38 8.89
C TRP B 114 4.41 -0.89 9.50
N GLY B 115 5.10 0.01 8.81
CA GLY B 115 6.26 0.69 9.35
C GLY B 115 5.84 1.65 10.45
N GLN B 116 6.80 2.22 11.16
CA GLN B 116 6.48 3.11 12.27
C GLN B 116 5.94 4.45 11.79
N GLY B 117 6.17 4.75 10.51
CA GLY B 117 5.70 5.99 9.91
C GLY B 117 6.78 7.06 9.89
N SER B 118 6.78 7.87 8.83
CA SER B 118 7.70 8.97 8.68
C SER B 118 6.95 10.28 8.50
N THR B 119 7.09 11.18 9.48
CA THR B 119 6.40 12.46 9.44
C THR B 119 7.12 13.43 8.50
N VAL B 120 6.36 13.95 7.53
CA VAL B 120 6.85 14.96 6.61
C VAL B 120 6.02 16.21 6.78
N ILE B 121 6.68 17.33 7.02
CA ILE B 121 6.01 18.61 7.19
C ILE B 121 6.54 19.62 6.17
N VAL B 122 5.67 19.98 5.22
CA VAL B 122 6.03 20.93 4.17
C VAL B 122 5.53 22.33 4.54
N THR B 123 6.45 23.28 4.68
CA THR B 123 6.09 24.66 5.00
C THR B 123 7.27 25.60 4.90
N SER B 124 6.97 26.89 4.85
CA SER B 124 8.00 27.94 4.79
C SER B 124 8.17 28.62 6.15
N ALA B 125 7.39 28.20 7.13
CA ALA B 125 7.44 28.78 8.46
C ALA B 125 8.73 28.41 9.17
N SER B 126 9.26 29.36 9.94
CA SER B 126 10.44 29.12 10.76
C SER B 126 10.01 28.86 12.20
N THR B 127 10.96 28.41 13.02
CA THR B 127 10.68 28.17 14.43
C THR B 127 10.23 29.46 15.09
N LYS B 128 9.14 29.37 15.85
CA LYS B 128 8.55 30.53 16.50
C LYS B 128 7.79 30.15 17.76
N GLY B 129 8.01 30.90 18.83
CA GLY B 129 7.32 30.67 20.08
C GLY B 129 5.92 31.27 20.04
N PRO B 130 5.00 30.73 20.85
CA PRO B 130 3.61 31.20 20.82
C PRO B 130 3.39 32.52 21.55
N SER B 131 2.33 33.22 21.17
CA SER B 131 1.81 34.32 21.97
C SER B 131 0.64 33.78 22.79
N VAL B 132 0.64 34.06 24.08
CA VAL B 132 -0.35 33.51 24.99
C VAL B 132 -1.31 34.61 25.45
N PHE B 133 -2.57 34.51 25.01
CA PHE B 133 -3.60 35.47 25.38
C PHE B 133 -4.61 34.82 26.32
N PRO B 134 -5.25 35.62 27.18
CA PRO B 134 -6.21 35.05 28.13
C PRO B 134 -7.62 34.97 27.57
N LEU B 135 -8.33 33.91 27.93
CA LEU B 135 -9.76 33.80 27.66
C LEU B 135 -10.50 34.09 28.97
N ALA B 136 -10.83 35.36 29.18
CA ALA B 136 -11.26 35.84 30.49
C ALA B 136 -12.54 35.18 30.99
N PRO B 137 -12.66 34.98 32.33
CA PRO B 137 -13.86 34.38 32.89
C PRO B 137 -15.12 35.17 32.58
N SER B 138 -16.28 34.50 32.71
CA SER B 138 -17.56 35.13 32.42
C SER B 138 -18.02 35.99 33.59
N SER B 139 -19.05 36.80 33.35
CA SER B 139 -19.63 37.63 34.40
C SER B 139 -20.26 36.76 35.49
N LYS B 140 -20.81 35.63 35.06
CA LYS B 140 -21.56 34.69 35.89
C LYS B 140 -22.45 33.90 34.94
N SER B 141 -21.91 32.80 34.41
CA SER B 141 -22.58 32.04 33.37
C SER B 141 -23.32 30.83 33.92
N THR B 142 -22.68 29.66 33.87
CA THR B 142 -23.31 28.42 34.32
C THR B 142 -23.70 28.51 35.79
N SER B 143 -24.87 27.98 36.11
CA SER B 143 -25.40 28.04 37.47
C SER B 143 -24.45 27.38 38.46
N GLY B 144 -24.59 27.72 39.73
CA GLY B 144 -23.63 27.31 40.73
C GLY B 144 -22.39 28.17 40.58
N GLY B 145 -21.23 27.59 40.87
CA GLY B 145 -19.98 28.31 40.76
C GLY B 145 -19.41 28.31 39.36
N THR B 146 -19.58 27.18 38.66
CA THR B 146 -18.85 26.92 37.41
C THR B 146 -18.85 28.08 36.41
N ALA B 147 -17.66 28.59 36.13
CA ALA B 147 -17.44 29.58 35.07
C ALA B 147 -16.25 29.13 34.23
N ALA B 148 -16.26 29.52 32.95
CA ALA B 148 -15.25 29.04 32.01
C ALA B 148 -14.18 30.11 31.72
N LEU B 149 -12.92 29.69 31.80
CA LEU B 149 -11.78 30.55 31.45
C LEU B 149 -10.69 29.69 30.83
N GLY B 150 -9.77 30.34 30.11
CA GLY B 150 -8.71 29.61 29.45
C GLY B 150 -7.59 30.46 28.87
N CYS B 151 -6.75 29.82 28.07
CA CYS B 151 -5.62 30.48 27.40
C CYS B 151 -5.66 30.20 25.90
N LEU B 152 -5.35 31.22 25.11
CA LEU B 152 -5.21 31.07 23.67
C LEU B 152 -3.73 31.08 23.30
N VAL B 153 -3.21 29.92 22.92
CA VAL B 153 -1.81 29.78 22.52
C VAL B 153 -1.71 29.86 21.01
N LYS B 154 -1.38 31.04 20.50
CA LYS B 154 -1.51 31.34 19.09
C LYS B 154 -0.15 31.54 18.38
N ASP B 155 -0.11 31.13 17.11
CA ASP B 155 1.02 31.40 16.23
C ASP B 155 2.35 30.86 16.75
N TYR B 156 2.52 29.54 16.66
CA TYR B 156 3.78 28.90 17.01
C TYR B 156 4.14 27.83 15.99
N PHE B 157 5.42 27.48 15.94
CA PHE B 157 5.90 26.45 15.03
C PHE B 157 7.27 25.94 15.47
N PRO B 158 7.51 24.62 15.36
CA PRO B 158 6.56 23.56 15.01
C PRO B 158 5.80 23.07 16.24
N GLU B 159 5.01 22.02 16.08
CA GLU B 159 4.42 21.35 17.22
C GLU B 159 5.51 20.60 17.98
N PRO B 160 5.26 20.23 19.24
CA PRO B 160 4.07 20.47 20.05
C PRO B 160 4.25 21.53 21.12
N VAL B 161 3.13 22.01 21.67
CA VAL B 161 3.16 22.77 22.91
C VAL B 161 2.38 21.99 23.96
N THR B 162 2.85 22.05 25.20
CA THR B 162 2.17 21.43 26.33
C THR B 162 1.61 22.51 27.24
N VAL B 163 0.48 22.23 27.87
CA VAL B 163 -0.18 23.20 28.73
C VAL B 163 -0.66 22.54 30.02
N SER B 164 -0.36 23.20 31.14
CA SER B 164 -0.88 22.80 32.44
C SER B 164 -1.49 24.01 33.13
N TRP B 165 -2.06 23.81 34.31
CA TRP B 165 -2.68 24.89 35.07
C TRP B 165 -2.22 24.87 36.53
N ASN B 166 -1.85 26.05 37.04
CA ASN B 166 -1.39 26.20 38.41
C ASN B 166 -0.26 25.22 38.74
N SER B 167 0.75 25.20 37.88
CA SER B 167 1.91 24.31 38.03
C SER B 167 1.48 22.85 38.09
N GLY B 168 0.40 22.53 37.39
CA GLY B 168 -0.07 21.14 37.28
C GLY B 168 -0.92 20.70 38.46
N ALA B 169 -1.18 21.61 39.39
CA ALA B 169 -1.99 21.29 40.57
C ALA B 169 -3.48 21.48 40.31
N LEU B 170 -3.83 21.66 39.04
CA LEU B 170 -5.22 21.83 38.63
C LEU B 170 -5.50 21.03 37.36
N THR B 171 -6.07 19.84 37.54
CA THR B 171 -6.40 18.97 36.41
C THR B 171 -7.90 18.81 36.26
N SER B 172 -8.64 19.02 37.35
CA SER B 172 -10.08 18.88 37.36
C SER B 172 -10.75 19.82 36.37
N GLY B 173 -11.38 19.26 35.34
CA GLY B 173 -12.18 20.03 34.41
C GLY B 173 -11.38 20.80 33.36
N VAL B 174 -10.16 20.35 33.10
CA VAL B 174 -9.31 20.99 32.09
C VAL B 174 -9.48 20.32 30.74
N HIS B 175 -9.56 21.13 29.69
CA HIS B 175 -9.59 20.65 28.32
C HIS B 175 -8.58 21.39 27.47
N THR B 176 -7.52 20.71 27.07
CA THR B 176 -6.53 21.26 26.15
C THR B 176 -6.79 20.68 24.76
N PHE B 177 -7.25 21.53 23.85
CA PHE B 177 -7.65 21.10 22.52
C PHE B 177 -6.43 20.78 21.66
N PRO B 178 -6.59 19.83 20.72
CA PRO B 178 -5.49 19.57 19.79
C PRO B 178 -5.28 20.78 18.87
N ALA B 179 -4.03 21.02 18.48
CA ALA B 179 -3.69 22.20 17.71
C ALA B 179 -4.32 22.18 16.33
N VAL B 180 -4.53 23.38 15.78
CA VAL B 180 -5.00 23.54 14.41
C VAL B 180 -3.95 24.30 13.62
N LEU B 181 -3.80 23.95 12.36
CA LEU B 181 -2.87 24.64 11.47
C LEU B 181 -3.59 25.78 10.75
N GLN B 182 -3.19 27.01 11.04
CA GLN B 182 -3.83 28.19 10.47
C GLN B 182 -3.41 28.40 9.02
N SER B 183 -4.10 29.30 8.33
CA SER B 183 -3.79 29.61 6.94
C SER B 183 -2.43 30.28 6.81
N SER B 184 -1.90 30.78 7.93
CA SER B 184 -0.62 31.47 7.94
C SER B 184 0.56 30.50 7.95
N GLY B 185 0.28 29.23 8.24
CA GLY B 185 1.31 28.22 8.33
C GLY B 185 1.74 27.95 9.77
N LEU B 186 1.19 28.74 10.70
CA LEU B 186 1.50 28.59 12.12
C LEU B 186 0.38 27.87 12.86
N TYR B 187 0.75 27.14 13.90
CA TYR B 187 -0.23 26.38 14.68
C TYR B 187 -0.85 27.23 15.79
N SER B 188 -1.97 26.76 16.32
CA SER B 188 -2.64 27.45 17.42
C SER B 188 -3.58 26.50 18.15
N LEU B 189 -3.69 26.67 19.46
CA LEU B 189 -4.65 25.90 20.24
C LEU B 189 -5.15 26.69 21.44
N SER B 190 -6.09 26.10 22.16
CA SER B 190 -6.62 26.71 23.38
C SER B 190 -6.69 25.67 24.49
N SER B 191 -6.52 26.14 25.72
CA SER B 191 -6.69 25.31 26.91
C SER B 191 -7.65 26.00 27.86
N VAL B 192 -8.73 25.32 28.23
CA VAL B 192 -9.76 25.91 29.08
C VAL B 192 -9.97 25.09 30.34
N VAL B 193 -10.64 25.71 31.31
CA VAL B 193 -10.99 25.05 32.55
C VAL B 193 -12.27 25.67 33.10
N THR B 194 -13.10 24.84 33.72
CA THR B 194 -14.31 25.31 34.40
C THR B 194 -14.06 25.34 35.90
N VAL B 195 -14.41 26.45 36.54
CA VAL B 195 -14.12 26.66 37.96
C VAL B 195 -15.24 27.45 38.64
N PRO B 196 -15.32 27.36 39.98
CA PRO B 196 -16.33 28.13 40.71
C PRO B 196 -16.23 29.64 40.48
N SER B 197 -17.37 30.32 40.41
CA SER B 197 -17.41 31.76 40.19
C SER B 197 -17.09 32.47 41.51
N SER B 198 -17.40 31.80 42.61
CA SER B 198 -17.09 32.31 43.93
C SER B 198 -15.58 32.44 44.12
N SER B 199 -14.82 31.61 43.41
CA SER B 199 -13.38 31.59 43.54
C SER B 199 -12.70 32.59 42.59
N LEU B 200 -13.44 33.08 41.61
CA LEU B 200 -12.90 34.02 40.63
C LEU B 200 -12.36 35.28 41.30
N GLY B 201 -12.95 35.65 42.43
CA GLY B 201 -12.51 36.83 43.17
C GLY B 201 -11.24 36.56 43.95
N THR B 202 -11.10 35.33 44.44
CA THR B 202 -9.97 34.96 45.28
C THR B 202 -8.96 34.08 44.55
N GLN B 203 -9.42 32.96 44.01
CA GLN B 203 -8.53 31.97 43.43
C GLN B 203 -7.78 32.51 42.21
N THR B 204 -6.47 32.29 42.21
CA THR B 204 -5.61 32.72 41.10
C THR B 204 -5.39 31.57 40.14
N TYR B 205 -5.58 31.84 38.85
CA TYR B 205 -5.46 30.82 37.81
C TYR B 205 -4.39 31.19 36.79
N ILE B 206 -3.42 30.29 36.64
CA ILE B 206 -2.31 30.48 35.71
C ILE B 206 -2.13 29.25 34.83
N CYS B 207 -2.21 29.43 33.52
CA CYS B 207 -1.90 28.35 32.59
C CYS B 207 -0.41 28.38 32.26
N ASN B 208 0.24 27.23 32.38
CA ASN B 208 1.67 27.11 32.10
C ASN B 208 1.90 26.50 30.72
N VAL B 209 2.37 27.32 29.80
CA VAL B 209 2.60 26.88 28.42
C VAL B 209 4.09 26.60 28.20
N ASN B 210 4.38 25.59 27.39
CA ASN B 210 5.76 25.24 27.05
C ASN B 210 5.89 24.82 25.60
N HIS B 211 6.69 25.57 24.85
CA HIS B 211 7.03 25.24 23.47
C HIS B 211 8.52 24.96 23.37
N LYS B 212 8.90 23.70 23.56
CA LYS B 212 10.30 23.30 23.63
C LYS B 212 11.11 23.65 22.37
N PRO B 213 10.54 23.44 21.18
CA PRO B 213 11.30 23.73 19.94
C PRO B 213 11.90 25.13 19.87
N SER B 214 11.34 26.09 20.62
CA SER B 214 11.86 27.46 20.63
C SER B 214 12.27 27.92 22.02
N ASN B 215 12.34 26.98 22.97
CA ASN B 215 12.71 27.28 24.35
C ASN B 215 11.85 28.41 24.95
N THR B 216 10.60 28.50 24.50
CA THR B 216 9.66 29.49 25.01
C THR B 216 8.78 28.87 26.09
N LYS B 217 8.76 29.51 27.25
CA LYS B 217 7.91 29.11 28.35
C LYS B 217 7.17 30.33 28.92
N VAL B 218 5.85 30.21 29.03
CA VAL B 218 5.01 31.31 29.47
C VAL B 218 4.06 30.89 30.59
N ASP B 219 3.99 31.72 31.63
CA ASP B 219 2.98 31.58 32.68
C ASP B 219 2.04 32.78 32.62
N LYS B 220 0.79 32.53 32.21
CA LYS B 220 -0.18 33.58 31.99
C LYS B 220 -1.34 33.51 32.98
N LYS B 221 -1.51 34.58 33.76
CA LYS B 221 -2.61 34.66 34.71
C LYS B 221 -3.89 35.13 34.01
N ALA B 222 -4.92 34.29 34.05
CA ALA B 222 -6.23 34.64 33.50
C ALA B 222 -7.16 35.07 34.63
N GLU B 223 -7.67 36.29 34.53
CA GLU B 223 -8.57 36.86 35.53
C GLU B 223 -9.68 37.68 34.86
N PRO B 224 -10.79 37.90 35.57
CA PRO B 224 -11.90 38.68 35.01
C PRO B 224 -11.49 40.07 34.54
N LYS B 225 -11.99 40.47 33.37
CA LYS B 225 -11.68 41.78 32.81
C LYS B 225 -12.16 42.88 33.74
N SER B 226 -11.46 44.01 33.73
CA SER B 226 -11.74 45.10 34.68
C SER B 226 -13.08 45.77 34.41
N CYS B 227 -14.17 45.05 34.65
CA CYS B 227 -15.51 45.62 34.54
C CYS B 227 -16.54 44.64 35.10
N GLU C 1 -10.85 0.96 -9.68
CA GLU C 1 -10.74 2.19 -8.84
C GLU C 1 -11.83 2.21 -7.77
N ILE C 2 -13.09 2.31 -8.22
CA ILE C 2 -14.25 2.19 -7.33
C ILE C 2 -14.34 3.35 -6.34
N VAL C 3 -15.53 3.56 -5.79
CA VAL C 3 -15.73 4.50 -4.69
C VAL C 3 -16.36 3.78 -3.50
N LEU C 4 -15.80 3.98 -2.32
CA LEU C 4 -16.29 3.36 -1.10
C LEU C 4 -16.92 4.38 -0.15
N THR C 5 -18.07 4.01 0.41
CA THR C 5 -18.74 4.81 1.43
C THR C 5 -19.08 3.93 2.63
N GLN C 6 -18.91 4.48 3.83
CA GLN C 6 -19.19 3.77 5.06
C GLN C 6 -20.33 4.41 5.84
N SER C 7 -21.04 3.60 6.60
CA SER C 7 -22.10 4.09 7.47
C SER C 7 -22.25 3.20 8.70
N PRO C 8 -22.66 3.79 9.84
CA PRO C 8 -22.89 5.23 10.03
C PRO C 8 -21.56 5.96 10.21
N ALA C 9 -21.60 7.29 10.25
CA ALA C 9 -20.40 8.06 10.54
C ALA C 9 -19.88 7.70 11.92
N THR C 10 -20.81 7.64 12.88
CA THR C 10 -20.48 7.27 14.25
C THR C 10 -21.42 6.18 14.76
N LEU C 11 -20.85 5.19 15.44
CA LEU C 11 -21.63 4.15 16.11
C LEU C 11 -21.47 4.25 17.62
N SER C 12 -22.53 4.67 18.30
CA SER C 12 -22.54 4.75 19.75
C SER C 12 -22.98 3.43 20.35
N LEU C 13 -22.19 2.91 21.29
CA LEU C 13 -22.45 1.61 21.90
C LEU C 13 -21.95 1.51 23.32
N SER C 14 -22.63 0.69 24.11
CA SER C 14 -22.19 0.33 25.45
C SER C 14 -21.44 -0.99 25.36
N PRO C 15 -20.47 -1.23 26.28
CA PRO C 15 -19.75 -2.50 26.24
C PRO C 15 -20.67 -3.71 26.38
N GLY C 16 -20.52 -4.68 25.48
CA GLY C 16 -21.35 -5.88 25.49
C GLY C 16 -22.31 -5.92 24.32
N GLU C 17 -22.62 -4.75 23.78
CA GLU C 17 -23.57 -4.64 22.67
C GLU C 17 -22.93 -5.08 21.35
N ARG C 18 -23.77 -5.49 20.41
CA ARG C 18 -23.32 -5.95 19.10
C ARG C 18 -23.17 -4.78 18.14
N ALA C 19 -21.97 -4.64 17.58
CA ALA C 19 -21.67 -3.58 16.61
C ALA C 19 -21.70 -4.15 15.21
N THR C 20 -22.28 -3.40 14.27
CA THR C 20 -22.24 -3.77 12.86
C THR C 20 -21.99 -2.55 11.99
N LEU C 21 -20.82 -2.51 11.37
CA LEU C 21 -20.40 -1.40 10.53
C LEU C 21 -20.63 -1.75 9.08
N SER C 22 -21.07 -0.78 8.28
CA SER C 22 -21.39 -1.02 6.88
C SER C 22 -20.38 -0.37 5.94
N CYS C 23 -20.13 -1.06 4.82
CA CYS C 23 -19.26 -0.56 3.77
C CYS C 23 -19.94 -0.77 2.42
N ARG C 24 -20.11 0.32 1.68
CA ARG C 24 -20.83 0.29 0.41
C ARG C 24 -19.91 0.63 -0.75
N ALA C 25 -20.01 -0.14 -1.82
CA ALA C 25 -19.14 0.04 -2.99
C ALA C 25 -19.93 0.54 -4.19
N SER C 26 -19.32 1.40 -4.98
CA SER C 26 -19.96 1.99 -6.15
C SER C 26 -20.20 0.95 -7.23
N GLN C 27 -19.30 -0.04 -7.34
CA GLN C 27 -19.45 -1.14 -8.27
C GLN C 27 -19.17 -2.47 -7.59
N GLY C 28 -19.40 -3.56 -8.31
CA GLY C 28 -19.25 -4.90 -7.75
C GLY C 28 -17.83 -5.23 -7.36
N LEU C 29 -17.66 -5.73 -6.14
CA LEU C 29 -16.36 -6.18 -5.64
C LEU C 29 -16.41 -7.64 -5.22
N ASN C 30 -15.24 -8.26 -5.17
CA ASN C 30 -15.14 -9.63 -4.68
C ASN C 30 -15.04 -9.65 -3.16
N PHE C 31 -14.43 -8.62 -2.60
CA PHE C 31 -14.19 -8.57 -1.15
C PHE C 31 -13.69 -7.21 -0.69
N VAL C 32 -13.63 -7.03 0.63
CA VAL C 32 -12.98 -5.88 1.25
C VAL C 32 -12.29 -6.33 2.53
N VAL C 33 -11.24 -5.60 2.91
CA VAL C 33 -10.55 -5.86 4.17
C VAL C 33 -10.83 -4.72 5.13
N TRP C 34 -10.66 -4.98 6.43
CA TRP C 34 -10.98 -4.00 7.46
C TRP C 34 -9.76 -3.68 8.33
N TYR C 35 -9.65 -2.42 8.72
CA TYR C 35 -8.57 -1.95 9.58
C TYR C 35 -9.11 -1.22 10.79
N GLN C 36 -8.41 -1.35 11.92
CA GLN C 36 -8.69 -0.58 13.12
C GLN C 36 -7.60 0.46 13.31
N GLN C 37 -7.96 1.67 13.72
CA GLN C 37 -6.97 2.70 14.01
C GLN C 37 -7.31 3.51 15.25
N LYS C 38 -6.33 3.59 16.15
CA LYS C 38 -6.42 4.42 17.34
C LYS C 38 -5.59 5.68 17.10
N ARG C 39 -5.74 6.67 17.98
CA ARG C 39 -4.99 7.91 17.87
C ARG C 39 -3.49 7.69 18.11
N GLY C 40 -2.67 8.24 17.23
CA GLY C 40 -1.23 8.17 17.38
C GLY C 40 -0.61 6.91 16.83
N GLN C 41 -1.45 5.94 16.49
CA GLN C 41 -0.99 4.65 15.98
C GLN C 41 -1.30 4.49 14.50
N ALA C 42 -0.66 3.52 13.86
CA ALA C 42 -0.94 3.20 12.47
C ALA C 42 -2.12 2.24 12.39
N PRO C 43 -2.75 2.14 11.21
CA PRO C 43 -3.84 1.17 11.02
C PRO C 43 -3.42 -0.26 11.34
N ARG C 44 -4.35 -1.02 11.91
CA ARG C 44 -4.12 -2.42 12.27
C ARG C 44 -5.11 -3.30 11.50
N LEU C 45 -4.59 -4.25 10.73
CA LEU C 45 -5.43 -5.15 9.96
C LEU C 45 -6.25 -6.06 10.88
N LEU C 46 -7.55 -6.13 10.62
CA LEU C 46 -8.45 -6.98 11.39
C LEU C 46 -8.80 -8.25 10.62
N ILE C 47 -9.32 -8.07 9.42
CA ILE C 47 -9.83 -9.18 8.62
C ILE C 47 -9.04 -9.31 7.32
N HIS C 48 -8.44 -10.48 7.10
CA HIS C 48 -7.75 -10.77 5.85
CA HIS C 48 -7.74 -10.75 5.85
C HIS C 48 -8.75 -11.11 4.76
N ALA C 49 -8.30 -11.09 3.52
CA ALA C 49 -9.16 -11.42 2.38
C ALA C 49 -9.50 -12.92 2.41
N PRO C 50 -10.31 -13.41 1.46
CA PRO C 50 -11.22 -14.51 1.78
C PRO C 50 -10.58 -15.74 2.42
N SER C 51 -10.71 -15.94 3.73
CA SER C 51 -11.36 -15.02 4.64
C SER C 51 -10.96 -15.37 6.07
N GLY C 52 -11.24 -14.47 7.01
CA GLY C 52 -10.90 -14.68 8.41
C GLY C 52 -10.27 -13.44 9.01
N ARG C 53 -9.71 -13.58 10.21
CA ARG C 53 -9.14 -12.45 10.93
C ARG C 53 -7.62 -12.56 11.10
N ALA C 54 -6.97 -11.39 11.02
CA ALA C 54 -5.53 -11.28 11.15
C ALA C 54 -5.01 -11.83 12.48
N PRO C 55 -3.70 -12.06 12.58
CA PRO C 55 -3.18 -12.57 13.87
C PRO C 55 -3.28 -11.53 14.99
N GLY C 56 -3.58 -12.01 16.20
CA GLY C 56 -3.74 -11.13 17.33
C GLY C 56 -5.17 -10.61 17.47
N VAL C 57 -5.97 -10.83 16.43
CA VAL C 57 -7.36 -10.38 16.41
C VAL C 57 -8.26 -11.37 17.15
N PRO C 58 -9.07 -10.88 18.12
CA PRO C 58 -9.94 -11.79 18.88
C PRO C 58 -11.15 -12.27 18.10
N ASP C 59 -11.81 -13.31 18.61
CA ASP C 59 -12.91 -13.99 17.93
C ASP C 59 -14.14 -13.11 17.70
N ARG C 60 -14.35 -12.12 18.55
CA ARG C 60 -15.57 -11.31 18.49
C ARG C 60 -15.66 -10.52 17.19
N PHE C 61 -14.54 -10.36 16.49
CA PHE C 61 -14.53 -9.69 15.20
C PHE C 61 -14.87 -10.67 14.08
N SER C 62 -15.77 -10.25 13.20
CA SER C 62 -16.15 -11.06 12.04
C SER C 62 -16.60 -10.15 10.90
N ALA C 63 -16.49 -10.63 9.67
CA ALA C 63 -16.85 -9.83 8.50
C ALA C 63 -17.38 -10.71 7.38
N ARG C 64 -18.17 -10.10 6.50
CA ARG C 64 -18.80 -10.82 5.40
C ARG C 64 -19.45 -9.85 4.42
N GLY C 65 -19.87 -10.36 3.27
CA GLY C 65 -20.49 -9.55 2.25
C GLY C 65 -19.99 -9.90 0.86
N SER C 66 -20.63 -9.33 -0.16
CA SER C 66 -20.21 -9.51 -1.54
C SER C 66 -20.91 -8.52 -2.46
N GLY C 67 -20.17 -8.03 -3.45
CA GLY C 67 -20.70 -7.09 -4.41
C GLY C 67 -20.65 -5.66 -3.91
N THR C 68 -21.82 -5.08 -3.69
CA THR C 68 -21.93 -3.69 -3.25
C THR C 68 -21.85 -3.54 -1.74
N GLU C 69 -22.33 -4.56 -1.01
CA GLU C 69 -22.49 -4.45 0.43
C GLU C 69 -21.56 -5.36 1.22
N PHE C 70 -20.89 -4.77 2.20
CA PHE C 70 -20.01 -5.50 3.12
C PHE C 70 -20.21 -4.99 4.53
N SER C 71 -19.86 -5.80 5.52
CA SER C 71 -20.02 -5.40 6.91
C SER C 71 -19.01 -6.04 7.85
N LEU C 72 -18.66 -5.28 8.89
CA LEU C 72 -17.80 -5.75 9.97
C LEU C 72 -18.62 -5.84 11.25
N VAL C 73 -18.66 -7.03 11.85
CA VAL C 73 -19.46 -7.26 13.05
C VAL C 73 -18.57 -7.51 14.26
N ILE C 74 -18.86 -6.79 15.34
CA ILE C 74 -18.22 -7.03 16.63
C ILE C 74 -19.30 -7.53 17.59
N SER C 75 -19.27 -8.84 17.86
CA SER C 75 -20.33 -9.51 18.61
C SER C 75 -20.59 -8.89 19.98
N SER C 76 -19.51 -8.64 20.73
CA SER C 76 -19.61 -8.03 22.05
C SER C 76 -18.51 -7.02 22.25
N VAL C 77 -18.87 -5.74 22.13
CA VAL C 77 -17.89 -4.65 22.21
C VAL C 77 -17.19 -4.61 23.56
N GLU C 78 -15.87 -4.49 23.51
CA GLU C 78 -15.04 -4.31 24.69
C GLU C 78 -14.48 -2.89 24.68
N PRO C 79 -14.03 -2.38 25.84
CA PRO C 79 -13.47 -1.02 25.88
C PRO C 79 -12.32 -0.78 24.91
N ASP C 80 -11.59 -1.84 24.57
CA ASP C 80 -10.45 -1.73 23.67
C ASP C 80 -10.88 -1.51 22.22
N ASP C 81 -12.17 -1.71 21.94
CA ASP C 81 -12.67 -1.68 20.57
C ASP C 81 -13.11 -0.29 20.12
N PHE C 82 -13.19 0.67 21.05
CA PHE C 82 -13.60 2.02 20.69
C PHE C 82 -12.50 2.68 19.86
N ALA C 83 -12.79 2.88 18.57
CA ALA C 83 -11.79 3.37 17.64
C ALA C 83 -12.43 3.70 16.29
N ILE C 84 -11.60 4.04 15.32
CA ILE C 84 -12.06 4.30 13.95
C ILE C 84 -11.76 3.09 13.08
N TYR C 85 -12.75 2.69 12.27
CA TYR C 85 -12.63 1.51 11.42
C TYR C 85 -12.79 1.86 9.94
N TYR C 86 -11.84 1.42 9.13
CA TYR C 86 -11.86 1.65 7.68
C TYR C 86 -12.01 0.35 6.91
N CYS C 87 -12.71 0.41 5.78
CA CYS C 87 -12.73 -0.70 4.82
C CYS C 87 -11.84 -0.35 3.63
N GLN C 88 -11.38 -1.36 2.90
CA GLN C 88 -10.44 -1.15 1.81
C GLN C 88 -10.66 -2.15 0.67
N GLU C 89 -10.49 -1.67 -0.56
CA GLU C 89 -10.84 -2.42 -1.77
C GLU C 89 -9.63 -2.67 -2.67
N TYR C 90 -9.65 -3.80 -3.37
CA TYR C 90 -8.49 -4.28 -4.13
C TYR C 90 -8.76 -4.53 -5.62
N SER C 91 -9.86 -3.99 -6.15
CA SER C 91 -10.25 -4.26 -7.53
C SER C 91 -9.19 -3.82 -8.53
N SER C 92 -8.52 -2.71 -8.21
CA SER C 92 -7.44 -2.19 -9.04
C SER C 92 -6.84 -0.95 -8.37
N THR C 93 -5.64 -0.57 -8.81
CA THR C 93 -5.01 0.65 -8.31
C THR C 93 -5.68 1.86 -8.96
N PRO C 94 -5.81 2.98 -8.22
CA PRO C 94 -5.40 3.15 -6.83
C PRO C 94 -6.34 2.45 -5.85
N TYR C 95 -5.79 1.84 -4.81
CA TYR C 95 -6.61 1.16 -3.82
C TYR C 95 -7.24 2.15 -2.85
N ASN C 96 -8.57 2.22 -2.88
CA ASN C 96 -9.32 3.19 -2.09
C ASN C 96 -9.63 2.72 -0.68
N PHE C 97 -9.54 3.64 0.27
CA PHE C 97 -10.00 3.42 1.65
C PHE C 97 -11.35 4.10 1.83
N GLY C 98 -12.15 3.57 2.76
CA GLY C 98 -13.41 4.20 3.11
C GLY C 98 -13.16 5.42 3.97
N PRO C 99 -14.19 6.26 4.15
CA PRO C 99 -14.04 7.48 4.97
C PRO C 99 -13.93 7.18 6.46
N GLY C 100 -14.31 5.95 6.85
CA GLY C 100 -14.17 5.51 8.23
C GLY C 100 -15.44 5.61 9.04
N THR C 101 -15.60 4.67 9.97
CA THR C 101 -16.72 4.67 10.90
C THR C 101 -16.19 4.72 12.33
N ARG C 102 -16.56 5.78 13.04
CA ARG C 102 -16.13 5.97 14.42
C ARG C 102 -17.00 5.19 15.39
N VAL C 103 -16.39 4.33 16.20
CA VAL C 103 -17.10 3.63 17.26
C VAL C 103 -16.73 4.26 18.60
N ASP C 104 -17.70 4.89 19.24
CA ASP C 104 -17.47 5.53 20.54
C ASP C 104 -18.40 4.97 21.61
N ARG C 105 -18.16 5.37 22.86
CA ARG C 105 -18.90 4.82 24.00
C ARG C 105 -20.22 5.56 24.19
N LYS C 106 -21.31 4.79 24.28
CA LYS C 106 -22.64 5.38 24.43
C LYS C 106 -22.85 5.89 25.85
N ARG C 107 -23.64 6.96 25.95
CA ARG C 107 -24.05 7.52 27.24
C ARG C 107 -25.35 8.27 27.04
N THR C 108 -25.97 8.71 28.13
CA THR C 108 -27.20 9.49 28.03
C THR C 108 -26.89 10.87 27.47
N VAL C 109 -27.73 11.33 26.55
CA VAL C 109 -27.54 12.61 25.87
C VAL C 109 -27.25 13.73 26.87
N ALA C 110 -26.29 14.58 26.52
CA ALA C 110 -25.90 15.71 27.35
C ALA C 110 -25.68 16.94 26.48
N ALA C 111 -26.38 18.02 26.80
CA ALA C 111 -26.23 19.26 26.07
C ALA C 111 -24.92 19.93 26.42
N PRO C 112 -24.31 20.64 25.47
CA PRO C 112 -23.08 21.37 25.78
C PRO C 112 -23.32 22.60 26.63
N SER C 113 -22.33 22.97 27.44
CA SER C 113 -22.31 24.26 28.10
C SER C 113 -21.56 25.24 27.21
N VAL C 114 -22.28 26.21 26.66
CA VAL C 114 -21.70 27.11 25.66
C VAL C 114 -21.15 28.39 26.28
N PHE C 115 -19.92 28.74 25.90
CA PHE C 115 -19.29 29.97 26.34
C PHE C 115 -18.68 30.69 25.13
N ILE C 116 -18.70 32.02 25.15
CA ILE C 116 -18.05 32.82 24.12
C ILE C 116 -17.03 33.74 24.75
N PHE C 117 -15.89 33.89 24.08
CA PHE C 117 -14.78 34.70 24.60
C PHE C 117 -14.39 35.80 23.60
N PRO C 118 -14.54 37.07 24.00
CA PRO C 118 -14.04 38.14 23.13
C PRO C 118 -12.53 38.11 23.01
N PRO C 119 -11.97 38.78 21.98
CA PRO C 119 -10.52 38.89 21.89
C PRO C 119 -9.96 39.80 22.97
N SER C 120 -8.84 39.41 23.58
CA SER C 120 -8.20 40.20 24.61
C SER C 120 -7.71 41.52 24.03
N ASP C 121 -7.57 42.53 24.88
CA ASP C 121 -7.03 43.82 24.45
C ASP C 121 -5.57 43.66 24.04
N GLU C 122 -4.90 42.67 24.61
CA GLU C 122 -3.50 42.41 24.31
C GLU C 122 -3.33 41.97 22.86
N GLN C 123 -4.17 41.05 22.42
CA GLN C 123 -4.10 40.55 21.05
C GLN C 123 -4.48 41.62 20.05
N LEU C 124 -5.44 42.47 20.43
CA LEU C 124 -5.92 43.51 19.54
C LEU C 124 -4.80 44.46 19.13
N LYS C 125 -3.81 44.63 20.00
CA LYS C 125 -2.63 45.43 19.67
C LYS C 125 -1.93 44.86 18.44
N SER C 126 -1.88 43.53 18.37
CA SER C 126 -1.13 42.83 17.34
C SER C 126 -1.77 42.95 15.96
N GLY C 127 -2.96 43.55 15.90
CA GLY C 127 -3.63 43.80 14.63
C GLY C 127 -4.58 42.69 14.22
N THR C 128 -4.64 41.63 15.02
CA THR C 128 -5.53 40.51 14.76
C THR C 128 -6.47 40.30 15.95
N ALA C 129 -7.60 39.63 15.71
CA ALA C 129 -8.58 39.37 16.75
C ALA C 129 -9.12 37.95 16.62
N SER C 130 -9.11 37.23 17.74
CA SER C 130 -9.62 35.85 17.79
C SER C 130 -10.83 35.77 18.72
N VAL C 131 -11.93 35.25 18.18
CA VAL C 131 -13.16 35.03 18.95
C VAL C 131 -13.38 33.54 19.12
N VAL C 132 -13.50 33.09 20.37
CA VAL C 132 -13.60 31.67 20.68
C VAL C 132 -14.97 31.30 21.22
N CYS C 133 -15.51 30.19 20.72
CA CYS C 133 -16.77 29.63 21.21
C CYS C 133 -16.52 28.21 21.72
N LEU C 134 -16.78 28.00 23.01
CA LEU C 134 -16.52 26.72 23.66
C LEU C 134 -17.79 25.91 23.86
N LEU C 135 -17.78 24.66 23.43
CA LEU C 135 -18.85 23.71 23.72
C LEU C 135 -18.31 22.66 24.70
N ASN C 136 -18.76 22.73 25.94
CA ASN C 136 -18.17 21.93 27.01
C ASN C 136 -18.98 20.68 27.41
N ASN C 137 -18.32 19.52 27.36
CA ASN C 137 -18.88 18.27 27.86
C ASN C 137 -20.24 17.88 27.29
N PHE C 138 -20.28 17.56 26.01
CA PHE C 138 -21.53 17.19 25.35
C PHE C 138 -21.49 15.79 24.74
N TYR C 139 -22.68 15.25 24.47
CA TYR C 139 -22.81 13.97 23.79
C TYR C 139 -24.21 13.87 23.17
N PRO C 140 -24.31 13.34 21.94
CA PRO C 140 -23.29 12.75 21.07
C PRO C 140 -22.29 13.76 20.50
N ARG C 141 -21.32 13.24 19.75
CA ARG C 141 -20.22 14.03 19.22
C ARG C 141 -20.68 15.07 18.20
N GLU C 142 -21.70 14.73 17.42
CA GLU C 142 -22.18 15.60 16.35
C GLU C 142 -22.76 16.89 16.92
N ALA C 143 -22.18 18.01 16.52
CA ALA C 143 -22.64 19.33 16.96
C ALA C 143 -22.32 20.38 15.89
N LYS C 144 -23.23 21.34 15.72
CA LYS C 144 -23.02 22.41 14.74
C LYS C 144 -22.90 23.77 15.41
N VAL C 145 -21.83 24.49 15.05
CA VAL C 145 -21.62 25.85 15.48
C VAL C 145 -21.80 26.79 14.30
N GLN C 146 -22.45 27.93 14.53
CA GLN C 146 -22.62 28.94 13.49
C GLN C 146 -22.30 30.33 14.02
N TRP C 147 -21.32 30.97 13.40
CA TRP C 147 -20.90 32.31 13.79
C TRP C 147 -21.73 33.37 13.09
N LYS C 148 -22.01 34.45 13.80
CA LYS C 148 -22.66 35.62 13.21
C LYS C 148 -22.05 36.91 13.74
N VAL C 149 -21.69 37.80 12.82
CA VAL C 149 -21.20 39.13 13.15
C VAL C 149 -22.18 40.17 12.63
N ASP C 150 -22.92 40.78 13.55
CA ASP C 150 -24.03 41.66 13.18
C ASP C 150 -24.97 40.95 12.21
N ASN C 151 -25.32 39.71 12.57
CA ASN C 151 -26.26 38.89 11.81
C ASN C 151 -25.71 38.42 10.45
N ALA C 152 -24.41 38.61 10.24
CA ALA C 152 -23.75 38.10 9.04
C ALA C 152 -23.11 36.74 9.31
N LEU C 153 -23.62 35.70 8.65
CA LEU C 153 -23.08 34.35 8.83
C LEU C 153 -21.63 34.30 8.37
N GLN C 154 -20.74 33.93 9.28
CA GLN C 154 -19.33 33.78 8.96
C GLN C 154 -19.03 32.37 8.49
N SER C 155 -18.48 32.26 7.28
CA SER C 155 -18.19 30.96 6.68
C SER C 155 -16.79 30.92 6.09
N GLY C 156 -16.02 29.92 6.50
CA GLY C 156 -14.69 29.69 5.95
C GLY C 156 -13.57 30.35 6.72
N ASN C 157 -13.93 31.26 7.63
CA ASN C 157 -12.93 32.00 8.41
C ASN C 157 -12.92 31.56 9.88
N SER C 158 -13.33 30.33 10.14
CA SER C 158 -13.28 29.75 11.48
C SER C 158 -12.68 28.35 11.43
N GLN C 159 -12.12 27.92 12.55
CA GLN C 159 -11.54 26.58 12.67
C GLN C 159 -11.99 25.91 13.95
N GLU C 160 -12.39 24.64 13.83
CA GLU C 160 -12.86 23.87 14.97
C GLU C 160 -11.85 22.83 15.44
N SER C 161 -11.90 22.52 16.73
CA SER C 161 -11.04 21.50 17.32
C SER C 161 -11.82 20.75 18.38
N VAL C 162 -11.69 19.42 18.38
CA VAL C 162 -12.47 18.56 19.26
C VAL C 162 -11.57 17.63 20.07
N THR C 163 -11.80 17.58 21.38
CA THR C 163 -11.05 16.68 22.26
C THR C 163 -11.46 15.25 21.99
N GLU C 164 -10.61 14.31 22.43
CA GLU C 164 -10.94 12.90 22.37
C GLU C 164 -12.06 12.62 23.37
N GLN C 165 -12.86 11.60 23.13
CA GLN C 165 -13.93 11.26 24.05
C GLN C 165 -13.36 10.99 25.43
N ASP C 166 -13.88 11.71 26.41
CA ASP C 166 -13.38 11.60 27.78
C ASP C 166 -13.58 10.19 28.32
N SER C 167 -12.52 9.62 28.88
CA SER C 167 -12.56 8.23 29.33
C SER C 167 -13.40 8.04 30.59
N LYS C 168 -13.74 9.15 31.25
CA LYS C 168 -14.44 9.09 32.53
C LYS C 168 -15.95 9.35 32.42
N ASP C 169 -16.35 10.39 31.68
CA ASP C 169 -17.77 10.73 31.54
C ASP C 169 -18.27 10.58 30.10
N SER C 170 -17.40 10.11 29.21
CA SER C 170 -17.79 9.77 27.84
C SER C 170 -18.35 10.96 27.04
N THR C 171 -17.90 12.17 27.38
CA THR C 171 -18.33 13.38 26.66
C THR C 171 -17.22 13.94 25.78
N TYR C 172 -17.61 14.88 24.91
CA TYR C 172 -16.67 15.60 24.08
C TYR C 172 -16.67 17.08 24.44
N SER C 173 -15.61 17.78 24.07
CA SER C 173 -15.58 19.23 24.13
C SER C 173 -15.11 19.77 22.80
N LEU C 174 -15.54 20.98 22.45
CA LEU C 174 -15.26 21.55 21.15
C LEU C 174 -15.00 23.05 21.25
N SER C 175 -13.98 23.50 20.54
CA SER C 175 -13.70 24.93 20.42
C SER C 175 -13.84 25.34 18.97
N SER C 176 -14.35 26.55 18.74
CA SER C 176 -14.40 27.14 17.42
C SER C 176 -13.83 28.54 17.51
N THR C 177 -12.77 28.80 16.73
CA THR C 177 -12.09 30.08 16.77
C THR C 177 -12.35 30.86 15.49
N LEU C 178 -13.01 32.00 15.62
CA LEU C 178 -13.24 32.90 14.51
C LEU C 178 -12.10 33.91 14.43
N THR C 179 -11.47 34.00 13.27
CA THR C 179 -10.34 34.91 13.07
C THR C 179 -10.76 36.13 12.26
N LEU C 180 -10.64 37.31 12.88
CA LEU C 180 -10.92 38.57 12.23
C LEU C 180 -9.72 39.50 12.31
N SER C 181 -9.57 40.38 11.33
CA SER C 181 -8.60 41.45 11.43
C SER C 181 -9.09 42.43 12.49
N LYS C 182 -8.21 43.30 12.96
CA LYS C 182 -8.62 44.30 13.92
C LYS C 182 -9.65 45.23 13.28
N ALA C 183 -9.32 45.75 12.11
CA ALA C 183 -10.18 46.70 11.39
C ALA C 183 -11.61 46.18 11.25
N ASP C 184 -11.74 44.90 10.92
CA ASP C 184 -13.07 44.28 10.78
C ASP C 184 -13.73 44.12 12.14
N TYR C 185 -12.95 43.76 13.15
CA TYR C 185 -13.49 43.61 14.50
C TYR C 185 -13.94 44.95 15.06
N GLU C 186 -13.19 46.00 14.73
CA GLU C 186 -13.50 47.35 15.20
C GLU C 186 -14.76 47.91 14.52
N LYS C 187 -15.19 47.26 13.45
CA LYS C 187 -16.25 47.79 12.59
C LYS C 187 -17.64 47.24 12.94
N HIS C 188 -17.69 46.18 13.74
CA HIS C 188 -18.96 45.51 14.06
C HIS C 188 -19.18 45.37 15.56
N LYS C 189 -20.43 45.26 15.97
CA LYS C 189 -20.81 45.32 17.38
C LYS C 189 -21.14 43.95 17.95
N VAL C 190 -22.14 43.28 17.38
CA VAL C 190 -22.66 42.03 17.95
C VAL C 190 -21.93 40.81 17.40
N TYR C 191 -21.38 40.01 18.30
CA TYR C 191 -20.70 38.76 17.95
C TYR C 191 -21.37 37.60 18.65
N ALA C 192 -21.77 36.60 17.88
CA ALA C 192 -22.53 35.47 18.42
C ALA C 192 -22.17 34.15 17.76
N CYS C 193 -22.19 33.08 18.57
CA CYS C 193 -22.10 31.72 18.07
C CYS C 193 -23.36 30.96 18.45
N GLU C 194 -23.98 30.32 17.46
CA GLU C 194 -25.21 29.56 17.68
C GLU C 194 -24.90 28.06 17.61
N VAL C 195 -25.29 27.33 18.66
CA VAL C 195 -25.01 25.91 18.74
C VAL C 195 -26.28 25.08 18.55
N THR C 196 -26.18 24.09 17.66
CA THR C 196 -27.25 23.11 17.45
C THR C 196 -26.75 21.74 17.90
N HIS C 197 -27.57 21.03 18.67
CA HIS C 197 -27.18 19.75 19.23
C HIS C 197 -28.41 18.98 19.70
N GLN C 198 -28.30 17.65 19.75
CA GLN C 198 -29.43 16.80 20.12
C GLN C 198 -29.95 17.10 21.52
N GLY C 199 -29.05 17.49 22.42
CA GLY C 199 -29.42 17.79 23.79
C GLY C 199 -30.15 19.12 23.92
N LEU C 200 -30.28 19.84 22.81
CA LEU C 200 -30.96 21.12 22.76
C LEU C 200 -32.12 21.06 21.77
N ARG C 201 -33.30 21.49 22.20
CA ARG C 201 -34.50 21.38 21.38
C ARG C 201 -34.69 22.64 20.56
N SER C 202 -33.98 23.69 20.95
CA SER C 202 -33.82 24.88 20.14
C SER C 202 -32.35 25.29 20.22
N PRO C 203 -31.79 25.77 19.09
CA PRO C 203 -30.37 26.15 19.13
C PRO C 203 -30.08 27.25 20.16
N VAL C 204 -28.97 27.11 20.88
CA VAL C 204 -28.57 28.09 21.90
C VAL C 204 -27.58 29.08 21.31
N THR C 205 -27.85 30.37 21.52
CA THR C 205 -26.97 31.43 21.05
C THR C 205 -26.31 32.14 22.22
N LYS C 206 -24.99 32.26 22.16
CA LYS C 206 -24.21 33.01 23.14
C LYS C 206 -23.52 34.16 22.41
N SER C 207 -23.62 35.36 22.97
CA SER C 207 -23.12 36.54 22.28
C SER C 207 -22.58 37.60 23.23
N PHE C 208 -21.90 38.58 22.65
CA PHE C 208 -21.43 39.75 23.39
C PHE C 208 -21.39 40.93 22.44
N ASN C 209 -21.41 42.13 23.00
CA ASN C 209 -21.31 43.37 22.23
C ASN C 209 -19.95 44.01 22.46
N ARG C 210 -19.26 44.35 21.38
CA ARG C 210 -17.95 44.97 21.48
C ARG C 210 -18.04 46.30 22.22
N GLY C 211 -17.20 46.45 23.24
CA GLY C 211 -17.19 47.67 24.03
C GLY C 211 -18.21 47.65 25.16
N GLU C 212 -18.84 46.50 25.36
CA GLU C 212 -19.81 46.31 26.45
C GLU C 212 -19.43 45.12 27.30
N CYS C 213 -18.33 45.25 28.05
CA CYS C 213 -17.85 44.17 28.89
C CYS C 213 -18.78 43.95 30.08
C1 NAG D . -12.27 -10.26 -11.21
C2 NAG D . -13.33 -11.35 -11.32
C3 NAG D . -14.68 -10.71 -11.61
C4 NAG D . -15.00 -9.64 -10.58
C5 NAG D . -13.85 -8.65 -10.45
C6 NAG D . -14.03 -7.67 -9.32
C7 NAG D . -12.36 -13.48 -12.12
C8 NAG D . -12.01 -13.79 -10.69
N2 NAG D . -12.99 -12.32 -12.34
O3 NAG D . -15.69 -11.71 -11.60
O4 NAG D . -16.18 -8.94 -10.94
O5 NAG D . -12.61 -9.34 -10.18
O6 NAG D . -12.88 -6.86 -9.13
O7 NAG D . -12.10 -14.26 -13.03
H2 NAG D . -13.39 -11.81 -10.46
H3 NAG D . -14.65 -10.30 -12.49
H4 NAG D . -15.14 -10.07 -9.70
H5 NAG D . -13.75 -8.16 -11.28
H61 NAG D . -14.23 -8.14 -8.50
H62 NAG D . -14.80 -7.09 -9.53
H81 NAG D . -11.38 -13.12 -10.37
H82 NAG D . -11.60 -14.67 -10.65
H83 NAG D . -12.82 -13.77 -10.14
HN2 NAG D . -13.21 -12.11 -13.21
HO3 NAG D . -16.18 -11.66 -12.34
HO4 NAG D . -16.84 -9.17 -10.39
HO6 NAG D . -13.06 -6.20 -8.56
C1 NAG E . -12.22 -18.98 -16.97
C2 NAG E . -12.73 -17.72 -16.28
C3 NAG E . -13.70 -18.10 -15.17
C4 NAG E . -14.80 -19.00 -15.71
C5 NAG E . -14.20 -20.20 -16.45
C6 NAG E . -15.25 -21.06 -17.12
C7 NAG E . -11.07 -15.89 -16.37
C8 NAG E . -11.65 -15.51 -17.71
N2 NAG E . -11.63 -16.93 -15.75
O3 NAG E . -14.27 -16.92 -14.61
O4 NAG E . -15.63 -19.46 -14.64
O5 NAG E . -13.31 -19.74 -17.47
O6 NAG E . -15.95 -20.34 -18.12
O7 NAG E . -10.14 -15.27 -15.88
H1 NAG E . -11.72 -19.52 -16.32
H2 NAG E . -13.21 -17.18 -16.94
H3 NAG E . -13.22 -18.58 -14.48
H4 NAG E . -15.36 -18.49 -16.34
H5 NAG E . -13.70 -20.73 -15.80
H61 NAG E . -15.88 -21.38 -16.45
H62 NAG E . -14.80 -21.82 -17.53
H81 NAG E . -11.19 -14.72 -18.05
H82 NAG E . -12.60 -15.33 -17.62
H83 NAG E . -11.52 -16.26 -18.34
HN2 NAG E . -11.29 -17.17 -14.94
HO3 NAG E . -14.11 -16.89 -13.74
HO4 NAG E . -16.39 -19.00 -14.64
HO6 NAG E . -16.66 -20.80 -18.37
C1 NAG F . 17.17 -22.41 -25.56
C2 NAG F . 18.30 -21.81 -24.71
C3 NAG F . 19.58 -21.68 -25.54
C4 NAG F . 19.93 -23.02 -26.19
C5 NAG F . 18.73 -23.53 -27.00
C6 NAG F . 18.97 -24.89 -27.60
C7 NAG F . 17.95 -20.23 -22.87
C8 NAG F . 17.52 -18.84 -22.49
N2 NAG F . 17.92 -20.52 -24.17
O3 NAG F . 20.65 -21.24 -24.71
O4 NAG F . 21.04 -22.86 -27.06
O5 NAG F . 17.60 -23.65 -26.13
O6 NAG F . 18.85 -25.92 -26.63
O7 NAG F . 18.30 -21.05 -22.01
H2 NAG F . 18.49 -22.42 -23.97
H3 NAG F . 19.43 -21.02 -26.24
H4 NAG F . 20.15 -23.66 -25.50
H5 NAG F . 18.53 -22.89 -27.70
H61 NAG F . 18.31 -25.04 -28.31
H62 NAG F . 19.87 -24.92 -27.99
H81 NAG F . 18.13 -18.19 -22.89
H82 NAG F . 17.54 -18.75 -21.52
H83 NAG F . 16.62 -18.68 -22.82
HN2 NAG F . 17.65 -19.87 -24.74
HO3 NAG F . 21.10 -20.60 -25.12
HO4 NAG F . 21.77 -23.17 -26.66
HO6 NAG F . 18.64 -26.68 -27.03
C1 NAG G . -1.65 -19.14 -34.46
C2 NAG G . -2.21 -19.74 -35.74
C3 NAG G . -2.67 -18.64 -36.70
C4 NAG G . -3.64 -17.70 -36.00
C5 NAG G . -3.03 -17.18 -34.70
C6 NAG G . -3.98 -16.34 -33.89
C7 NAG G . -1.04 -21.88 -36.05
C8 NAG G . 0.02 -22.61 -36.83
N2 NAG G . -1.23 -20.59 -36.39
O3 NAG G . -3.29 -19.23 -37.84
O4 NAG G . -3.95 -16.60 -36.85
O5 NAG G . -2.63 -18.28 -33.88
O6 NAG G . -3.41 -15.94 -32.66
O7 NAG G . -1.68 -22.42 -35.17
H1 NAG G . -0.85 -18.61 -34.68
H2 NAG G . -3.00 -20.29 -35.51
H3 NAG G . -1.89 -18.14 -36.99
H4 NAG G . -4.46 -18.18 -35.78
H5 NAG G . -2.23 -16.64 -34.92
H61 NAG G . -4.23 -15.55 -34.41
H62 NAG G . -4.79 -16.87 -33.71
H81 NAG G . 0.11 -23.51 -36.48
H82 NAG G . -0.24 -22.65 -37.77
H83 NAG G . 0.87 -22.14 -36.74
HN2 NAG G . -0.72 -20.24 -37.06
HO3 NAG G . -3.03 -18.81 -38.57
HO4 NAG G . -4.81 -16.64 -37.08
HO6 NAG G . -4.01 -15.51 -32.18
C1 NAG H . 19.15 -17.79 -36.12
C2 NAG H . 18.64 -17.21 -37.43
C3 NAG H . 18.05 -18.32 -38.31
C4 NAG H . 19.05 -19.45 -38.48
C5 NAG H . 19.51 -19.93 -37.10
C6 NAG H . 20.58 -21.01 -37.18
C7 NAG H . 17.97 -14.86 -37.11
C8 NAG H . 16.83 -13.93 -36.86
N2 NAG H . 17.66 -16.16 -37.21
O3 NAG H . 17.71 -17.78 -39.58
O4 NAG H . 18.44 -20.53 -39.18
O5 NAG H . 20.08 -18.83 -36.38
O6 NAG H . 21.00 -21.41 -35.89
O7 NAG H . 19.13 -14.47 -37.23
H2 NAG H . 19.40 -16.82 -37.91
H3 NAG H . 17.24 -18.66 -37.89
H4 NAG H . 19.83 -19.13 -38.98
H5 NAG H . 18.75 -20.28 -36.61
H61 NAG H . 20.23 -21.78 -37.66
H62 NAG H . 21.35 -20.65 -37.67
H81 NAG H . 16.37 -14.19 -36.05
H82 NAG H . 17.16 -13.02 -36.77
H83 NAG H . 16.20 -13.97 -37.62
HN2 NAG H . 16.79 -16.41 -37.11
HO3 NAG H . 17.43 -18.43 -40.12
HO4 NAG H . 18.93 -20.72 -39.91
HO6 NAG H . 21.48 -22.15 -35.94
C1 NAG I . 16.73 1.61 -25.42
C2 NAG I . 16.88 2.43 -24.13
C3 NAG I . 16.18 3.78 -24.29
C4 NAG I . 16.66 4.49 -25.54
C5 NAG I . 16.46 3.58 -26.75
C6 NAG I . 16.98 4.16 -28.04
C7 NAG I . 17.06 0.88 -22.23
C8 NAG I . 16.32 0.22 -21.10
N2 NAG I . 16.33 1.70 -22.99
O3 NAG I . 16.47 4.59 -23.14
O4 NAG I . 15.91 5.69 -25.74
O5 NAG I . 17.20 2.36 -26.53
O6 NAG I . 16.77 3.28 -29.13
O7 NAG I . 18.25 0.67 -22.44
H2 NAG I . 17.83 2.59 -23.97
H3 NAG I . 15.22 3.64 -24.34
H4 NAG I . 17.60 4.72 -25.46
H5 NAG I . 15.52 3.37 -26.85
H61 NAG I . 17.94 4.33 -27.95
H62 NAG I . 16.52 5.01 -28.21
H81 NAG I . 16.01 0.90 -20.48
H82 NAG I . 16.93 -0.38 -20.63
H83 NAG I . 15.57 -0.27 -21.45
HN2 NAG I . 15.45 1.83 -22.78
HO3 NAG I . 16.08 5.38 -23.23
HO4 NAG I . 16.47 6.34 -25.98
HO6 NAG I . 17.03 3.67 -29.88
N1 EPE J . 32.37 -2.92 -12.94
C2 EPE J . 32.28 -1.66 -12.19
C3 EPE J . 33.22 -1.71 -10.99
N4 EPE J . 34.59 -2.06 -11.35
C5 EPE J . 34.75 -3.09 -12.36
C6 EPE J . 33.74 -2.97 -13.49
C7 EPE J . 35.55 -1.96 -10.27
C8 EPE J . 37.01 -2.16 -10.67
O8 EPE J . 37.42 -1.16 -11.57
C9 EPE J . 31.41 -2.89 -14.04
C10 EPE J . 31.05 -4.32 -14.46
S EPE J . 29.60 -4.38 -15.53
O1S EPE J . 28.40 -4.58 -14.72
O2S EPE J . 29.50 -3.13 -16.28
O3S EPE J . 29.73 -5.49 -16.48
H21 EPE J . 32.54 -0.82 -12.83
H22 EPE J . 31.25 -1.52 -11.84
H31 EPE J . 32.84 -2.43 -10.27
H32 EPE J . 33.22 -0.73 -10.50
H51 EPE J . 34.66 -4.07 -11.89
H52 EPE J . 35.76 -3.02 -12.77
H61 EPE J . 33.94 -2.07 -14.07
H62 EPE J . 33.83 -3.83 -14.16
H71 EPE J . 35.29 -2.68 -9.50
H72 EPE J . 35.46 -0.97 -9.82
H81 EPE J . 37.64 -2.14 -9.79
H82 EPE J . 37.11 -3.15 -11.13
HO8 EPE J . 36.67 -0.55 -11.74
H91 EPE J . 31.83 -2.36 -14.90
H92 EPE J . 30.51 -2.36 -13.73
H101 EPE J . 30.85 -4.91 -13.56
H102 EPE J . 31.90 -4.77 -14.96
C1 EDO K . -4.27 -26.75 -9.66
O1 EDO K . -4.32 -26.00 -10.89
C2 EDO K . -4.09 -25.80 -8.48
O2 EDO K . -4.05 -26.55 -7.26
H11 EDO K . -5.19 -27.32 -9.54
H12 EDO K . -3.44 -27.46 -9.70
HO1 EDO K . -4.43 -26.61 -11.63
H21 EDO K . -3.16 -25.24 -8.59
H22 EDO K . -4.91 -25.08 -8.45
HO2 EDO K . -3.94 -25.94 -6.51
C1 EDO L . -9.40 11.94 3.10
O1 EDO L . -9.85 12.44 1.84
C2 EDO L . -10.60 11.58 3.97
O2 EDO L . -11.30 10.47 3.40
H11 EDO L . -8.78 11.06 2.95
H12 EDO L . -8.80 12.70 3.61
HO1 EDO L . -9.08 12.67 1.29
H21 EDO L . -10.27 11.32 4.97
H22 EDO L . -11.28 12.43 4.05
HO2 EDO L . -12.06 10.24 3.95
C1 EDO M . -0.85 18.28 25.81
O1 EDO M . -1.28 19.43 25.06
C2 EDO M . -1.23 18.45 27.27
O2 EDO M . -2.61 18.09 27.46
H11 EDO M . -1.33 17.39 25.41
H12 EDO M . 0.23 18.16 25.73
HO1 EDO M . -1.02 19.31 24.13
H21 EDO M . -0.61 17.82 27.90
H22 EDO M . -1.08 19.49 27.57
HO2 EDO M . -2.85 18.20 28.39
C1 EDO N . 10.04 -5.36 -3.08
O1 EDO N . 10.76 -6.56 -3.39
C2 EDO N . 8.62 -5.73 -2.64
O2 EDO N . 8.67 -6.55 -1.48
H11 EDO N . 10.55 -4.83 -2.27
H12 EDO N . 10.01 -4.72 -3.95
HO1 EDO N . 11.67 -6.34 -3.66
H21 EDO N . 8.07 -4.81 -2.44
H22 EDO N . 8.11 -6.25 -3.46
HO2 EDO N . 7.77 -6.78 -1.21
C1 EDO O . 15.15 13.99 2.39
O1 EDO O . 15.41 12.70 1.85
C2 EDO O . 14.61 13.85 3.81
O2 EDO O . 15.59 13.20 4.63
H11 EDO O . 16.07 14.59 2.41
H12 EDO O . 14.42 14.52 1.78
HO1 EDO O . 15.76 12.80 0.94
H21 EDO O . 14.38 14.84 4.23
H22 EDO O . 13.69 13.26 3.80
HO2 EDO O . 15.24 13.11 5.54
NA NA P . 5.04 30.20 38.94
#